data_2GV8
#
_entry.id   2GV8
#
_cell.length_a   59.310
_cell.length_b   72.530
_cell.length_c   80.370
_cell.angle_alpha   98.59
_cell.angle_beta   107.40
_cell.angle_gamma   101.72
#
_symmetry.space_group_name_H-M   'P 1'
#
loop_
_entity.id
_entity.type
_entity.pdbx_description
1 polymer monooxygenase
2 non-polymer 'FLAVIN-ADENINE DINUCLEOTIDE'
3 non-polymer 'NADPH DIHYDRO-NICOTINAMIDE-ADENINE-DINUCLEOTIDE PHOSPHATE'
4 non-polymer GLYCEROL
5 water water
#
_entity_poly.entity_id   1
_entity_poly.type   'polypeptide(L)'
_entity_poly.pdbx_seq_one_letter_code
;(MSE)CLPTIRKIAIIGAGPSGLVTAKALLAEKAFDQVTLFERRGSPGGVWNYTSTLSNKLPVPSTNPILTTEPIVGPAA
LPVYPSPLYRDLQTNTPIEL(MSE)GYCDQSFKPQTLQFPHRHTIQEYQRIYAQPLLPFIKLATDVLDIEKKDGSWVVTY
KGTKAGSPISKDIFDAVSICNGHYEVPYIPNIKGLDEYAKAVPGSVLHSSLFREPELFVGESVLVVGGASSANDLVRHLT
PVAKHPIYQSLLGGGDIQNESLQQVPEITKFDPTTREIYLKGGKVLSNIDRVIYCTGYLYSVPFPSLAKLKSPETKLIDD
GSHVHNVYQHIFYIPDPTLAFVGLALHVVPFPTSQAQAAFLARVWSGRLKLPSKEEQLKWQDEL(MSE)FSLSGANN
(MSE)YHSLDYPKDATYINKLHDWCKQATPVLEEEFPSPYWGEKERSIREN(MSE)WSIRAKFFGIEPPK
;
_entity_poly.pdbx_strand_id   A,B
#
# COMPACT_ATOMS: atom_id res chain seq x y z
N LEU A 3 -32.55 23.99 8.61
CA LEU A 3 -33.94 23.86 8.05
C LEU A 3 -34.56 22.57 8.60
N PRO A 4 -34.52 22.39 9.93
CA PRO A 4 -35.05 21.22 10.65
C PRO A 4 -35.36 19.97 9.82
N THR A 5 -36.40 19.99 8.98
CA THR A 5 -36.67 18.80 8.18
C THR A 5 -35.50 18.63 7.20
N ILE A 6 -34.57 17.76 7.55
CA ILE A 6 -33.41 17.52 6.72
C ILE A 6 -33.66 16.34 5.81
N ARG A 7 -33.37 16.51 4.52
CA ARG A 7 -33.56 15.45 3.54
C ARG A 7 -32.31 15.12 2.73
N LYS A 8 -31.50 16.13 2.42
CA LYS A 8 -30.29 15.91 1.65
C LYS A 8 -29.04 16.28 2.45
N ILE A 9 -28.21 15.27 2.70
CA ILE A 9 -27.00 15.48 3.47
C ILE A 9 -25.71 15.23 2.69
N ALA A 10 -24.75 16.13 2.86
CA ALA A 10 -23.46 15.98 2.22
C ALA A 10 -22.43 15.61 3.29
N ILE A 11 -21.61 14.61 3.01
CA ILE A 11 -20.58 14.16 3.95
C ILE A 11 -19.21 14.41 3.31
N ILE A 12 -18.40 15.27 3.93
CA ILE A 12 -17.10 15.59 3.37
C ILE A 12 -16.03 14.64 3.91
N GLY A 13 -15.57 13.72 3.05
CA GLY A 13 -14.56 12.76 3.44
C GLY A 13 -15.15 11.36 3.53
N ALA A 14 -14.46 10.38 2.96
CA ALA A 14 -14.94 9.01 2.99
C ALA A 14 -13.96 8.14 3.79
N GLY A 15 -13.46 8.70 4.88
CA GLY A 15 -12.56 7.98 5.75
C GLY A 15 -13.38 7.29 6.83
N PRO A 16 -12.74 6.70 7.84
CA PRO A 16 -13.51 6.03 8.89
C PRO A 16 -14.65 6.85 9.50
N SER A 17 -14.44 8.16 9.64
CA SER A 17 -15.48 9.00 10.23
C SER A 17 -16.64 9.23 9.28
N GLY A 18 -16.32 9.60 8.04
CA GLY A 18 -17.35 9.84 7.05
C GLY A 18 -18.17 8.60 6.77
N LEU A 19 -17.51 7.44 6.70
CA LEU A 19 -18.19 6.19 6.41
C LEU A 19 -19.19 5.79 7.49
N VAL A 20 -18.78 5.89 8.76
CA VAL A 20 -19.69 5.51 9.84
C VAL A 20 -20.82 6.53 9.93
N THR A 21 -20.53 7.77 9.58
CA THR A 21 -21.54 8.83 9.59
C THR A 21 -22.61 8.45 8.56
N ALA A 22 -22.17 8.01 7.38
CA ALA A 22 -23.08 7.61 6.32
C ALA A 22 -23.99 6.46 6.78
N LYS A 23 -23.39 5.40 7.33
CA LYS A 23 -24.20 4.27 7.78
C LYS A 23 -25.23 4.64 8.85
N ALA A 24 -24.88 5.56 9.75
CA ALA A 24 -25.79 5.99 10.81
C ALA A 24 -26.94 6.80 10.22
N LEU A 25 -26.62 7.67 9.28
CA LEU A 25 -27.62 8.51 8.63
C LEU A 25 -28.61 7.67 7.83
N LEU A 26 -28.09 6.77 7.01
CA LEU A 26 -28.93 5.90 6.19
C LEU A 26 -29.80 5.00 7.07
N ALA A 27 -29.33 4.68 8.27
CA ALA A 27 -30.10 3.84 9.19
C ALA A 27 -31.34 4.54 9.76
N GLU A 28 -31.39 5.86 9.68
CA GLU A 28 -32.53 6.62 10.19
C GLU A 28 -33.73 6.47 9.26
N LYS A 29 -33.46 6.06 8.03
CA LYS A 29 -34.52 5.90 7.03
C LYS A 29 -35.34 7.18 6.95
N ALA A 30 -34.67 8.32 7.06
CA ALA A 30 -35.37 9.60 7.02
C ALA A 30 -34.81 10.60 6.01
N PHE A 31 -33.70 10.26 5.37
CA PHE A 31 -33.12 11.18 4.40
C PHE A 31 -33.27 10.62 2.99
N ASP A 32 -33.46 11.51 2.01
CA ASP A 32 -33.64 11.08 0.64
C ASP A 32 -32.31 10.93 -0.07
N GLN A 33 -31.32 11.71 0.37
CA GLN A 33 -30.01 11.67 -0.24
C GLN A 33 -28.87 11.86 0.77
N VAL A 34 -27.93 10.92 0.76
CA VAL A 34 -26.77 10.95 1.62
C VAL A 34 -25.62 10.79 0.65
N THR A 35 -24.84 11.83 0.47
CA THR A 35 -23.73 11.80 -0.46
C THR A 35 -22.39 12.05 0.19
N LEU A 36 -21.41 11.20 -0.10
CA LEU A 36 -20.07 11.36 0.44
C LEU A 36 -19.14 11.88 -0.64
N PHE A 37 -18.26 12.79 -0.28
CA PHE A 37 -17.29 13.35 -1.21
C PHE A 37 -15.90 12.92 -0.75
N GLU A 38 -15.10 12.42 -1.68
CA GLU A 38 -13.77 11.95 -1.37
C GLU A 38 -12.79 12.24 -2.51
N ARG A 39 -11.72 12.96 -2.20
CA ARG A 39 -10.70 13.31 -3.17
C ARG A 39 -9.85 12.11 -3.58
N ARG A 40 -9.69 11.15 -2.68
CA ARG A 40 -8.92 9.95 -3.00
C ARG A 40 -9.73 9.08 -3.95
N GLY A 41 -9.06 8.17 -4.66
CA GLY A 41 -9.79 7.29 -5.56
C GLY A 41 -10.56 6.23 -4.81
N SER A 42 -10.26 6.07 -3.53
CA SER A 42 -10.94 5.06 -2.71
C SER A 42 -11.21 5.55 -1.28
N PRO A 43 -12.15 4.89 -0.59
CA PRO A 43 -12.51 5.25 0.79
C PRO A 43 -11.48 4.67 1.78
N GLY A 44 -11.67 4.95 3.06
CA GLY A 44 -10.75 4.43 4.06
C GLY A 44 -9.81 5.45 4.68
N GLY A 45 -9.86 6.69 4.18
CA GLY A 45 -9.01 7.74 4.72
C GLY A 45 -7.53 7.45 4.74
N VAL A 46 -6.89 7.70 5.88
CA VAL A 46 -5.45 7.46 5.98
C VAL A 46 -5.06 6.00 5.81
N TRP A 47 -6.03 5.09 5.90
CA TRP A 47 -5.71 3.67 5.75
C TRP A 47 -5.61 3.30 4.28
N ASN A 48 -4.97 4.17 3.54
CA ASN A 48 -4.72 4.00 2.12
C ASN A 48 -3.21 4.23 2.08
N TYR A 49 -2.46 3.19 2.43
CA TYR A 49 -1.00 3.29 2.45
C TYR A 49 -0.44 3.73 1.10
N THR A 50 0.39 4.77 1.11
CA THR A 50 1.00 5.27 -0.11
C THR A 50 2.52 5.34 -0.05
N SER A 51 3.18 4.59 -0.92
CA SER A 51 4.64 4.64 -0.95
C SER A 51 5.04 6.06 -1.35
N THR A 52 4.09 6.79 -1.95
CA THR A 52 4.29 8.15 -2.40
C THR A 52 4.31 9.16 -1.26
N LEU A 53 5.34 10.01 -1.22
CA LEU A 53 5.45 11.03 -0.19
C LEU A 53 4.84 12.34 -0.66
N SER A 54 4.49 13.19 0.29
CA SER A 54 3.96 14.50 -0.04
C SER A 54 5.11 15.16 -0.79
N ASN A 55 4.77 15.85 -1.86
CA ASN A 55 5.77 16.50 -2.70
C ASN A 55 6.47 17.71 -2.07
N LYS A 56 5.70 18.58 -1.42
CA LYS A 56 6.25 19.80 -0.83
C LYS A 56 5.92 19.96 0.66
N LEU A 57 6.81 19.56 1.55
CA LEU A 57 6.57 19.70 2.98
C LEU A 57 6.92 21.10 3.45
N PRO A 58 5.93 21.88 3.89
CA PRO A 58 6.23 23.23 4.37
C PRO A 58 7.02 23.19 5.68
N VAL A 59 8.15 23.87 5.70
CA VAL A 59 9.01 23.93 6.89
C VAL A 59 9.42 25.38 7.16
N PRO A 60 8.93 25.98 8.25
CA PRO A 60 8.02 25.41 9.25
C PRO A 60 6.59 25.37 8.73
N SER A 61 5.66 24.94 9.56
CA SER A 61 4.26 24.86 9.16
C SER A 61 3.35 25.25 10.32
N THR A 62 2.72 26.42 10.22
CA THR A 62 1.81 26.89 11.26
C THR A 62 0.52 27.44 10.69
N ASN A 63 0.37 27.35 9.37
CA ASN A 63 -0.86 27.82 8.75
C ASN A 63 -1.81 26.64 8.55
N PRO A 64 -2.89 26.58 9.35
CA PRO A 64 -3.87 25.50 9.26
C PRO A 64 -4.70 25.49 7.98
N ILE A 65 -4.53 26.49 7.13
CA ILE A 65 -5.29 26.57 5.90
C ILE A 65 -4.63 25.82 4.74
N LEU A 66 -3.30 25.77 4.77
CA LEU A 66 -2.47 25.12 3.78
C LEU A 66 -3.17 24.12 2.85
N THR A 67 -3.11 24.39 1.55
CA THR A 67 -3.73 23.51 0.55
C THR A 67 -2.93 22.22 0.36
N THR A 68 -3.63 21.09 0.37
CA THR A 68 -2.99 19.79 0.19
C THR A 68 -2.77 19.52 -1.31
N GLU A 69 -1.50 19.41 -1.70
CA GLU A 69 -1.13 19.17 -3.10
C GLU A 69 -0.88 17.70 -3.43
N PRO A 70 -1.82 17.05 -4.11
CA PRO A 70 -1.61 15.63 -4.46
C PRO A 70 -0.54 15.45 -5.52
N ILE A 71 -0.06 14.22 -5.67
CA ILE A 71 0.94 13.91 -6.67
C ILE A 71 0.17 13.57 -7.93
N VAL A 72 0.46 14.29 -9.02
CA VAL A 72 -0.21 14.09 -10.29
C VAL A 72 0.72 13.57 -11.36
N GLY A 73 0.13 12.91 -12.35
CA GLY A 73 0.89 12.36 -13.45
C GLY A 73 -0.05 12.10 -14.61
N PRO A 74 0.46 11.99 -15.84
CA PRO A 74 -0.44 11.74 -16.97
C PRO A 74 -0.97 10.31 -16.98
N ALA A 75 -0.25 9.41 -16.31
CA ALA A 75 -0.62 8.01 -16.26
C ALA A 75 -1.42 7.54 -15.03
N ALA A 76 -1.61 8.40 -14.04
CA ALA A 76 -2.35 7.97 -12.85
C ALA A 76 -3.35 8.97 -12.32
N LEU A 77 -4.23 8.48 -11.45
CA LEU A 77 -5.24 9.32 -10.80
C LEU A 77 -4.44 10.11 -9.75
N PRO A 78 -4.86 11.34 -9.42
CA PRO A 78 -4.10 12.09 -8.41
C PRO A 78 -4.02 11.32 -7.09
N VAL A 79 -2.84 11.28 -6.50
CA VAL A 79 -2.64 10.60 -5.24
C VAL A 79 -2.44 11.56 -4.06
N TYR A 80 -3.18 11.32 -2.99
CA TYR A 80 -3.10 12.10 -1.78
C TYR A 80 -2.39 11.20 -0.78
N PRO A 81 -1.10 11.46 -0.54
CA PRO A 81 -0.28 10.67 0.38
C PRO A 81 -0.83 10.54 1.79
N SER A 82 -0.74 9.33 2.32
CA SER A 82 -1.19 9.05 3.67
C SER A 82 0.03 9.01 4.54
N PRO A 83 -0.09 9.45 5.80
CA PRO A 83 1.03 9.44 6.73
C PRO A 83 1.43 8.07 7.29
N LEU A 84 0.65 7.04 6.99
CA LEU A 84 1.01 5.71 7.52
C LEU A 84 2.36 5.24 6.98
N TYR A 85 3.19 4.66 7.86
CA TYR A 85 4.47 4.16 7.42
C TYR A 85 4.38 2.64 7.18
N ARG A 86 5.38 2.11 6.49
CA ARG A 86 5.40 0.71 6.11
C ARG A 86 5.13 -0.37 7.16
N ASP A 87 5.85 -0.32 8.27
CA ASP A 87 5.70 -1.34 9.31
C ASP A 87 4.76 -0.98 10.44
N LEU A 88 3.91 0.02 10.23
CA LEU A 88 3.00 0.45 11.26
C LEU A 88 2.00 -0.62 11.74
N GLN A 89 1.85 -0.68 13.05
CA GLN A 89 0.90 -1.58 13.69
C GLN A 89 0.09 -0.64 14.59
N THR A 90 -1.17 -0.98 14.87
CA THR A 90 -2.02 -0.11 15.68
C THR A 90 -1.52 0.14 17.11
N ASN A 91 -1.98 1.25 17.69
CA ASN A 91 -1.64 1.54 19.08
C ASN A 91 -2.93 1.49 19.88
N THR A 92 -3.95 0.87 19.27
CA THR A 92 -5.27 0.66 19.84
C THR A 92 -5.58 -0.84 19.68
N PRO A 93 -5.92 -1.55 20.78
CA PRO A 93 -6.23 -2.99 20.77
C PRO A 93 -7.52 -3.36 20.06
N ILE A 94 -7.56 -4.54 19.46
CA ILE A 94 -8.75 -4.99 18.74
C ILE A 94 -10.01 -5.07 19.61
N GLU A 95 -9.83 -5.24 20.91
CA GLU A 95 -10.98 -5.32 21.79
C GLU A 95 -11.77 -4.03 21.81
N LEU A 96 -11.13 -2.94 21.39
CA LEU A 96 -11.76 -1.63 21.42
C LEU A 96 -11.85 -0.83 20.12
N GLY A 98 -12.48 -1.35 16.75
CA GLY A 98 -13.40 -1.44 15.63
C GLY A 98 -14.77 -0.86 15.95
N TYR A 99 -15.61 -0.71 14.92
CA TYR A 99 -16.96 -0.23 15.13
C TYR A 99 -17.62 -1.37 15.92
N CYS A 100 -18.62 -1.07 16.73
CA CYS A 100 -19.25 -2.11 17.53
C CYS A 100 -20.04 -3.16 16.75
N ASP A 101 -20.35 -2.87 15.49
CA ASP A 101 -21.08 -3.84 14.68
C ASP A 101 -20.26 -4.49 13.56
N GLN A 102 -18.94 -4.52 13.71
CA GLN A 102 -18.08 -5.22 12.76
C GLN A 102 -16.85 -5.62 13.55
N SER A 103 -16.72 -6.91 13.83
CA SER A 103 -15.58 -7.37 14.58
C SER A 103 -14.46 -7.76 13.66
N PHE A 104 -13.31 -8.06 14.26
CA PHE A 104 -12.16 -8.50 13.50
C PHE A 104 -12.25 -10.00 13.31
N LYS A 105 -11.64 -10.49 12.24
CA LYS A 105 -11.64 -11.92 11.97
C LYS A 105 -10.89 -12.58 13.11
N PRO A 106 -11.20 -13.86 13.38
CA PRO A 106 -10.50 -14.56 14.46
C PRO A 106 -9.03 -14.69 14.13
N GLN A 107 -8.18 -14.64 15.15
CA GLN A 107 -6.73 -14.73 14.99
C GLN A 107 -6.02 -13.53 14.60
N THR A 108 -6.68 -12.41 14.79
CA THR A 108 -6.10 -11.14 14.47
C THR A 108 -5.23 -10.76 15.67
N LEU A 109 -4.05 -10.20 15.38
CA LEU A 109 -3.16 -9.78 16.45
C LEU A 109 -3.84 -8.68 17.22
N GLN A 110 -3.56 -8.59 18.52
CA GLN A 110 -4.21 -7.57 19.33
C GLN A 110 -3.92 -6.15 18.82
N PHE A 111 -2.71 -5.93 18.33
CA PHE A 111 -2.29 -4.64 17.78
C PHE A 111 -1.80 -4.98 16.37
N PRO A 112 -2.72 -5.31 15.46
CA PRO A 112 -2.46 -5.69 14.07
C PRO A 112 -1.69 -4.69 13.21
N HIS A 113 -1.16 -5.21 12.11
CA HIS A 113 -0.44 -4.42 11.13
C HIS A 113 -1.51 -3.62 10.37
N ARG A 114 -1.13 -2.51 9.78
CA ARG A 114 -2.08 -1.68 9.06
C ARG A 114 -2.82 -2.41 7.94
N HIS A 115 -2.26 -3.52 7.45
CA HIS A 115 -2.92 -4.28 6.38
C HIS A 115 -4.29 -4.72 6.86
N THR A 116 -4.34 -5.17 8.11
CA THR A 116 -5.58 -5.66 8.73
C THR A 116 -6.64 -4.56 8.81
N ILE A 117 -6.21 -3.37 9.20
CA ILE A 117 -7.12 -2.24 9.36
C ILE A 117 -7.58 -1.72 7.99
N GLN A 118 -6.67 -1.73 7.01
CA GLN A 118 -7.00 -1.29 5.65
C GLN A 118 -8.03 -2.28 5.08
N GLU A 119 -7.85 -3.57 5.37
CA GLU A 119 -8.79 -4.58 4.88
C GLU A 119 -10.12 -4.38 5.61
N TYR A 120 -10.04 -4.05 6.90
CA TYR A 120 -11.22 -3.82 7.71
C TYR A 120 -12.03 -2.67 7.12
N GLN A 121 -11.35 -1.56 6.83
CA GLN A 121 -12.01 -0.40 6.24
C GLN A 121 -12.54 -0.71 4.84
N ARG A 122 -11.82 -1.51 4.07
CA ARG A 122 -12.28 -1.87 2.72
C ARG A 122 -13.63 -2.58 2.79
N ILE A 123 -13.74 -3.52 3.72
CA ILE A 123 -14.96 -4.30 3.92
C ILE A 123 -16.09 -3.41 4.42
N TYR A 124 -15.76 -2.49 5.31
CA TYR A 124 -16.77 -1.59 5.87
C TYR A 124 -17.34 -0.65 4.82
N ALA A 125 -16.47 -0.12 3.98
CA ALA A 125 -16.88 0.84 2.94
C ALA A 125 -17.61 0.25 1.73
N GLN A 126 -17.34 -1.01 1.42
CA GLN A 126 -17.94 -1.67 0.27
C GLN A 126 -19.41 -1.31 -0.01
N PRO A 127 -20.33 -1.60 0.93
CA PRO A 127 -21.74 -1.27 0.67
C PRO A 127 -22.07 0.22 0.47
N LEU A 128 -21.12 1.10 0.76
CA LEU A 128 -21.35 2.53 0.62
C LEU A 128 -20.78 3.14 -0.67
N LEU A 129 -20.05 2.36 -1.44
CA LEU A 129 -19.47 2.87 -2.68
C LEU A 129 -20.44 3.59 -3.60
N PRO A 130 -21.64 3.02 -3.81
CA PRO A 130 -22.57 3.73 -4.69
C PRO A 130 -23.03 5.09 -4.15
N PHE A 131 -22.75 5.35 -2.87
CA PHE A 131 -23.13 6.62 -2.24
C PHE A 131 -21.98 7.65 -2.23
N ILE A 132 -20.79 7.20 -2.59
CA ILE A 132 -19.61 8.06 -2.59
C ILE A 132 -19.21 8.64 -3.94
N LYS A 133 -18.87 9.93 -3.96
CA LYS A 133 -18.40 10.54 -5.20
C LYS A 133 -16.88 10.53 -5.02
N LEU A 134 -16.25 9.52 -5.60
CA LEU A 134 -14.80 9.31 -5.51
C LEU A 134 -14.01 10.25 -6.42
N ALA A 135 -12.75 10.49 -6.05
CA ALA A 135 -11.88 11.38 -6.81
C ALA A 135 -12.60 12.69 -7.06
N THR A 136 -13.11 13.27 -5.97
CA THR A 136 -13.84 14.53 -6.04
C THR A 136 -13.43 15.38 -4.84
N ASP A 137 -12.77 16.50 -5.11
CA ASP A 137 -12.29 17.40 -4.08
C ASP A 137 -13.28 18.53 -3.79
N VAL A 138 -13.77 18.60 -2.56
CA VAL A 138 -14.71 19.66 -2.18
C VAL A 138 -13.91 20.96 -2.05
N LEU A 139 -14.24 21.95 -2.87
CA LEU A 139 -13.55 23.24 -2.85
C LEU A 139 -14.00 24.22 -1.79
N ASP A 140 -15.30 24.26 -1.53
CA ASP A 140 -15.81 25.18 -0.53
C ASP A 140 -17.21 24.82 -0.07
N ILE A 141 -17.61 25.37 1.06
CA ILE A 141 -18.92 25.10 1.63
C ILE A 141 -19.46 26.42 2.19
N GLU A 142 -20.72 26.72 1.91
CA GLU A 142 -21.31 27.95 2.43
C GLU A 142 -22.82 27.97 2.44
N LYS A 143 -23.36 28.63 3.45
CA LYS A 143 -24.79 28.76 3.63
C LYS A 143 -25.25 29.91 2.73
N LYS A 144 -26.01 29.58 1.71
CA LYS A 144 -26.54 30.56 0.77
C LYS A 144 -28.03 30.28 0.72
N ASP A 145 -28.85 31.33 0.86
CA ASP A 145 -30.30 31.16 0.87
C ASP A 145 -30.64 30.29 2.08
N GLY A 146 -31.50 29.29 1.92
CA GLY A 146 -31.83 28.46 3.07
C GLY A 146 -31.07 27.14 3.18
N SER A 147 -30.07 26.95 2.32
CA SER A 147 -29.31 25.71 2.32
C SER A 147 -27.80 25.88 2.18
N TRP A 148 -27.09 24.75 2.24
CA TRP A 148 -25.65 24.74 2.11
C TRP A 148 -25.23 24.44 0.68
N VAL A 149 -24.32 25.25 0.15
CA VAL A 149 -23.83 25.04 -1.19
C VAL A 149 -22.40 24.52 -1.14
N VAL A 150 -22.21 23.27 -1.55
CA VAL A 150 -20.88 22.68 -1.55
C VAL A 150 -20.33 22.69 -2.96
N THR A 151 -19.21 23.39 -3.15
CA THR A 151 -18.58 23.48 -4.45
C THR A 151 -17.49 22.43 -4.49
N TYR A 152 -17.48 21.65 -5.57
CA TYR A 152 -16.51 20.56 -5.71
C TYR A 152 -16.02 20.39 -7.15
N LYS A 153 -14.81 19.88 -7.31
CA LYS A 153 -14.24 19.67 -8.62
C LYS A 153 -13.69 18.25 -8.73
N GLY A 154 -14.13 17.52 -9.76
CA GLY A 154 -13.61 16.19 -9.98
C GLY A 154 -12.12 16.30 -9.88
N THR A 155 -11.52 15.30 -9.26
CA THR A 155 -10.06 15.30 -9.08
C THR A 155 -9.20 15.21 -10.34
N LYS A 156 -9.76 14.73 -11.45
CA LYS A 156 -8.97 14.56 -12.66
C LYS A 156 -8.75 15.87 -13.43
N ALA A 157 -7.65 15.89 -14.16
CA ALA A 157 -7.27 17.04 -14.96
C ALA A 157 -8.38 17.32 -15.97
N GLY A 158 -8.94 18.53 -15.92
CA GLY A 158 -9.99 18.90 -16.83
C GLY A 158 -11.41 18.73 -16.30
N SER A 159 -11.54 18.32 -15.05
CA SER A 159 -12.88 18.17 -14.48
C SER A 159 -13.41 19.57 -14.27
N PRO A 160 -14.72 19.77 -14.44
CA PRO A 160 -15.35 21.08 -14.27
C PRO A 160 -15.77 21.32 -12.82
N ILE A 161 -15.79 22.59 -12.40
CA ILE A 161 -16.19 22.92 -11.04
C ILE A 161 -17.70 22.86 -10.96
N SER A 162 -18.20 22.09 -9.99
CA SER A 162 -19.63 21.90 -9.81
C SER A 162 -20.13 22.41 -8.47
N LYS A 163 -21.45 22.48 -8.31
CA LYS A 163 -22.07 22.94 -7.08
C LYS A 163 -23.38 22.18 -6.84
N ASP A 164 -23.64 21.87 -5.58
CA ASP A 164 -24.87 21.18 -5.19
C ASP A 164 -25.29 21.73 -3.82
N ILE A 165 -26.58 21.66 -3.53
CA ILE A 165 -27.08 22.18 -2.27
C ILE A 165 -27.65 21.06 -1.42
N PHE A 166 -27.45 21.17 -0.10
CA PHE A 166 -27.93 20.17 0.83
C PHE A 166 -28.55 20.87 2.04
N ASP A 167 -29.29 20.11 2.84
CA ASP A 167 -29.92 20.67 4.03
C ASP A 167 -28.94 20.65 5.20
N ALA A 168 -27.95 19.76 5.12
CA ALA A 168 -26.94 19.62 6.16
C ALA A 168 -25.61 19.12 5.59
N VAL A 169 -24.52 19.47 6.27
CA VAL A 169 -23.19 19.07 5.82
C VAL A 169 -22.40 18.53 7.00
N SER A 170 -21.84 17.32 6.86
CA SER A 170 -21.04 16.73 7.92
C SER A 170 -19.60 16.68 7.45
N ILE A 171 -18.74 17.47 8.10
CA ILE A 171 -17.32 17.51 7.76
C ILE A 171 -16.59 16.43 8.53
N CYS A 172 -15.99 15.50 7.79
CA CYS A 172 -15.24 14.39 8.35
C CYS A 172 -13.93 14.35 7.58
N ASN A 173 -13.36 15.52 7.37
CA ASN A 173 -12.13 15.64 6.59
C ASN A 173 -10.83 15.23 7.27
N GLY A 174 -10.91 14.76 8.52
CA GLY A 174 -9.71 14.35 9.22
C GLY A 174 -8.87 15.52 9.71
N HIS A 175 -7.97 15.27 10.67
CA HIS A 175 -7.12 16.33 11.19
C HIS A 175 -5.65 15.93 11.32
N TYR A 176 -5.20 15.00 10.48
CA TYR A 176 -3.80 14.57 10.50
C TYR A 176 -3.18 14.70 9.11
N GLU A 177 -3.48 15.80 8.44
CA GLU A 177 -2.98 16.07 7.10
C GLU A 177 -2.00 17.27 7.07
N VAL A 178 -2.44 18.42 7.57
CA VAL A 178 -1.60 19.61 7.61
C VAL A 178 -0.61 19.44 8.75
N PRO A 179 0.70 19.35 8.43
CA PRO A 179 1.77 19.18 9.39
C PRO A 179 1.99 20.38 10.30
N TYR A 180 2.42 20.12 11.53
CA TYR A 180 2.72 21.21 12.44
C TYR A 180 4.19 21.17 12.77
N ILE A 181 4.92 22.18 12.32
CA ILE A 181 6.34 22.30 12.61
C ILE A 181 6.48 23.75 13.11
N PRO A 182 6.89 23.92 14.38
CA PRO A 182 7.06 25.25 14.99
C PRO A 182 8.04 26.11 14.22
N ASN A 183 7.77 27.41 14.16
CA ASN A 183 8.69 28.30 13.45
C ASN A 183 9.89 28.65 14.31
N ILE A 184 10.89 27.78 14.29
CA ILE A 184 12.10 28.00 15.05
C ILE A 184 13.02 28.91 14.23
N LYS A 185 13.83 29.70 14.93
CA LYS A 185 14.74 30.61 14.25
C LYS A 185 15.83 29.81 13.53
N GLY A 186 15.97 30.07 12.23
CA GLY A 186 16.99 29.40 11.43
C GLY A 186 16.58 28.11 10.77
N LEU A 187 15.50 27.49 11.26
CA LEU A 187 15.03 26.21 10.71
C LEU A 187 14.82 26.25 9.20
N ASP A 188 14.01 27.20 8.75
CA ASP A 188 13.73 27.34 7.32
C ASP A 188 14.99 27.28 6.48
N GLU A 189 15.97 28.12 6.83
CA GLU A 189 17.22 28.16 6.09
C GLU A 189 17.94 26.83 6.20
N TYR A 190 18.05 26.32 7.43
CA TYR A 190 18.71 25.04 7.69
C TYR A 190 18.08 23.92 6.87
N ALA A 191 16.78 24.03 6.61
CA ALA A 191 16.04 23.03 5.85
C ALA A 191 16.24 23.11 4.34
N LYS A 192 16.23 24.34 3.78
CA LYS A 192 16.37 24.58 2.36
C LYS A 192 17.80 24.38 1.91
N ALA A 193 18.80 24.47 2.77
CA ALA A 193 20.20 24.32 2.40
C ALA A 193 20.58 22.86 2.19
N VAL A 194 19.86 21.96 2.83
CA VAL A 194 20.14 20.53 2.69
C VAL A 194 18.79 19.79 2.58
N PRO A 195 18.22 19.68 1.37
CA PRO A 195 16.94 19.00 1.16
C PRO A 195 17.02 17.61 1.75
N GLY A 196 16.02 17.25 2.56
CA GLY A 196 16.01 15.94 3.18
C GLY A 196 16.59 15.89 4.58
N SER A 197 17.19 17.00 5.02
CA SER A 197 17.79 17.06 6.35
C SER A 197 16.71 17.22 7.42
N VAL A 198 15.60 17.85 7.04
CA VAL A 198 14.49 18.06 7.96
C VAL A 198 13.24 17.39 7.41
N LEU A 199 12.66 16.48 8.20
CA LEU A 199 11.45 15.75 7.80
C LEU A 199 10.39 15.89 8.86
N HIS A 200 9.20 15.43 8.54
CA HIS A 200 8.06 15.43 9.46
C HIS A 200 7.62 13.97 9.48
N SER A 201 7.09 13.50 10.60
CA SER A 201 6.65 12.11 10.71
C SER A 201 5.75 11.68 9.55
N SER A 202 4.96 12.59 9.01
CA SER A 202 4.08 12.25 7.89
C SER A 202 4.83 11.77 6.65
N LEU A 203 6.14 11.96 6.61
CA LEU A 203 6.96 11.53 5.47
C LEU A 203 7.70 10.22 5.73
N PHE A 204 7.67 9.75 6.96
CA PHE A 204 8.36 8.51 7.29
C PHE A 204 7.64 7.34 6.60
N ARG A 205 8.42 6.43 6.01
CA ARG A 205 7.87 5.26 5.35
C ARG A 205 8.73 4.04 5.66
N GLU A 206 9.96 4.07 5.18
CA GLU A 206 10.88 2.96 5.38
C GLU A 206 12.10 3.40 6.21
N PRO A 207 12.36 2.69 7.31
CA PRO A 207 13.47 2.98 8.20
C PRO A 207 14.88 2.73 7.65
N GLU A 208 14.99 1.88 6.63
CA GLU A 208 16.31 1.57 6.05
C GLU A 208 16.99 2.81 5.46
N LEU A 209 16.22 3.87 5.28
CA LEU A 209 16.76 5.11 4.75
C LEU A 209 17.72 5.75 5.75
N PHE A 210 17.51 5.45 7.03
CA PHE A 210 18.32 6.04 8.08
C PHE A 210 19.48 5.22 8.61
N VAL A 211 19.78 4.08 7.98
CA VAL A 211 20.90 3.27 8.43
C VAL A 211 22.19 4.09 8.45
N GLY A 212 22.88 4.06 9.59
CA GLY A 212 24.13 4.79 9.71
C GLY A 212 23.98 6.28 9.96
N GLU A 213 22.76 6.80 9.87
CA GLU A 213 22.56 8.21 10.07
C GLU A 213 22.33 8.60 11.53
N SER A 214 22.73 9.83 11.86
CA SER A 214 22.56 10.40 13.20
C SER A 214 21.26 11.18 13.11
N VAL A 215 20.28 10.78 13.90
CA VAL A 215 18.95 11.39 13.85
C VAL A 215 18.44 12.07 15.13
N LEU A 216 17.69 13.14 14.94
CA LEU A 216 17.08 13.88 16.05
C LEU A 216 15.58 13.81 15.89
N VAL A 217 14.93 13.10 16.80
CA VAL A 217 13.48 13.00 16.79
C VAL A 217 12.94 14.10 17.68
N VAL A 218 12.09 14.96 17.13
CA VAL A 218 11.53 16.04 17.91
C VAL A 218 10.06 15.79 18.24
N GLY A 219 9.81 15.57 19.53
CA GLY A 219 8.46 15.29 19.98
C GLY A 219 8.49 14.27 21.09
N GLY A 220 7.35 14.04 21.73
CA GLY A 220 7.32 13.08 22.83
C GLY A 220 6.06 12.27 22.92
N ALA A 221 5.28 12.21 21.83
CA ALA A 221 4.04 11.46 21.83
C ALA A 221 4.20 10.19 20.98
N SER A 222 3.09 9.58 20.58
CA SER A 222 3.16 8.34 19.82
C SER A 222 4.04 8.33 18.57
N SER A 223 4.01 9.39 17.78
CA SER A 223 4.85 9.43 16.58
C SER A 223 6.32 9.41 16.97
N ALA A 224 6.69 10.25 17.93
CA ALA A 224 8.06 10.35 18.39
C ALA A 224 8.56 9.04 19.00
N ASN A 225 7.80 8.46 19.93
CA ASN A 225 8.22 7.23 20.57
C ASN A 225 8.31 6.05 19.59
N ASP A 226 7.38 5.99 18.65
CA ASP A 226 7.37 4.93 17.66
C ASP A 226 8.54 5.04 16.71
N LEU A 227 8.85 6.26 16.29
CA LEU A 227 9.95 6.49 15.37
C LEU A 227 11.26 6.10 16.03
N VAL A 228 11.44 6.54 17.27
CA VAL A 228 12.64 6.23 18.04
C VAL A 228 12.80 4.72 18.08
N ARG A 229 11.69 4.01 18.28
CA ARG A 229 11.74 2.57 18.32
C ARG A 229 12.12 1.98 16.97
N HIS A 230 11.47 2.42 15.90
CA HIS A 230 11.78 1.91 14.57
C HIS A 230 13.18 2.29 14.06
N LEU A 231 13.71 3.39 14.54
CA LEU A 231 15.04 3.85 14.13
C LEU A 231 16.18 3.21 14.91
N THR A 232 15.89 2.77 16.13
CA THR A 232 16.91 2.18 16.98
C THR A 232 17.77 1.10 16.34
N PRO A 233 17.17 0.10 15.68
CA PRO A 233 18.03 -0.92 15.08
C PRO A 233 18.77 -0.55 13.79
N VAL A 234 18.58 0.67 13.28
CA VAL A 234 19.26 1.04 12.05
C VAL A 234 20.05 2.35 12.09
N ALA A 235 19.50 3.36 12.75
CA ALA A 235 20.18 4.65 12.84
C ALA A 235 21.45 4.58 13.68
N LYS A 236 22.34 5.54 13.45
CA LYS A 236 23.58 5.62 14.20
C LYS A 236 23.23 5.89 15.66
N HIS A 237 23.84 5.14 16.57
CA HIS A 237 23.59 5.34 18.00
C HIS A 237 24.42 6.52 18.52
N PRO A 238 23.83 7.35 19.39
CA PRO A 238 22.47 7.23 19.89
C PRO A 238 21.48 8.07 19.10
N ILE A 239 20.20 7.81 19.30
CA ILE A 239 19.14 8.57 18.65
C ILE A 239 18.85 9.70 19.64
N TYR A 240 18.70 10.92 19.13
CA TYR A 240 18.40 12.04 20.01
C TYR A 240 16.91 12.36 19.92
N GLN A 241 16.34 12.74 21.06
CA GLN A 241 14.93 13.08 21.10
C GLN A 241 14.75 14.37 21.89
N SER A 242 14.22 15.39 21.24
CA SER A 242 13.98 16.67 21.87
C SER A 242 12.56 16.74 22.42
N LEU A 243 12.45 16.77 23.75
CA LEU A 243 11.15 16.86 24.42
C LEU A 243 10.99 18.29 24.94
N LEU A 244 9.75 18.71 25.18
CA LEU A 244 9.48 20.05 25.68
C LEU A 244 9.57 19.95 27.20
N GLY A 245 10.77 20.14 27.73
CA GLY A 245 10.98 20.02 29.17
C GLY A 245 11.96 18.89 29.40
N GLY A 246 12.62 18.51 28.32
CA GLY A 246 13.59 17.45 28.38
C GLY A 246 12.96 16.13 28.84
N GLY A 247 13.81 15.14 29.05
CA GLY A 247 13.36 13.84 29.50
C GLY A 247 14.47 13.27 30.36
N ASP A 248 14.28 12.05 30.84
CA ASP A 248 15.26 11.43 31.71
C ASP A 248 16.14 10.37 31.05
N ILE A 249 15.61 9.65 30.08
CA ILE A 249 16.37 8.61 29.40
C ILE A 249 17.63 9.14 28.71
N GLN A 250 18.78 8.70 29.20
CA GLN A 250 20.08 9.11 28.67
C GLN A 250 20.99 7.90 28.50
N ASN A 251 20.57 6.90 27.74
CA ASN A 251 21.43 5.73 27.56
C ASN A 251 22.38 5.81 26.38
N GLU A 252 22.75 4.62 25.90
CA GLU A 252 23.67 4.48 24.79
C GLU A 252 22.94 4.66 23.46
N SER A 253 21.72 4.13 23.37
CA SER A 253 20.94 4.21 22.15
C SER A 253 19.95 5.37 22.11
N LEU A 254 19.61 5.94 23.27
CA LEU A 254 18.67 7.05 23.30
C LEU A 254 19.12 8.19 24.21
N GLN A 255 19.07 9.41 23.70
CA GLN A 255 19.45 10.59 24.45
C GLN A 255 18.36 11.65 24.42
N GLN A 256 17.50 11.66 25.43
CA GLN A 256 16.42 12.64 25.49
C GLN A 256 17.00 13.98 25.91
N VAL A 257 16.64 15.03 25.18
CA VAL A 257 17.15 16.35 25.46
C VAL A 257 16.02 17.36 25.48
N PRO A 258 16.31 18.61 25.91
CA PRO A 258 15.25 19.63 25.94
C PRO A 258 14.89 20.19 24.57
N GLU A 259 13.83 20.99 24.53
CA GLU A 259 13.36 21.61 23.28
C GLU A 259 14.44 22.40 22.54
N ILE A 260 14.14 22.72 21.29
CA ILE A 260 15.06 23.47 20.42
C ILE A 260 14.84 24.98 20.45
N THR A 261 15.94 25.74 20.47
CA THR A 261 15.88 27.21 20.47
C THR A 261 16.10 27.74 19.07
N LYS A 262 17.10 27.17 18.34
CA LYS A 262 17.33 27.61 16.98
C LYS A 262 18.34 26.70 16.28
N PHE A 263 18.28 26.77 14.94
CA PHE A 263 19.18 26.03 14.08
C PHE A 263 20.19 27.01 13.52
N ASP A 264 21.47 26.66 13.62
CA ASP A 264 22.50 27.53 13.08
C ASP A 264 22.78 27.03 11.67
N PRO A 265 22.30 27.75 10.65
CA PRO A 265 22.50 27.35 9.26
C PRO A 265 23.96 27.20 8.84
N THR A 266 24.87 28.03 9.35
CA THR A 266 26.27 28.00 8.94
C THR A 266 26.99 26.79 9.54
N THR A 267 26.90 26.58 10.82
CA THR A 267 27.60 25.47 11.46
C THR A 267 26.71 24.23 11.44
N ARG A 268 25.46 24.43 11.07
CA ARG A 268 24.44 23.38 11.02
C ARG A 268 24.38 22.71 12.38
N GLU A 269 24.41 23.54 13.41
CA GLU A 269 24.35 23.11 14.81
C GLU A 269 22.92 23.36 15.28
N ILE A 270 22.49 22.61 16.28
CA ILE A 270 21.14 22.75 16.81
C ILE A 270 21.23 23.10 18.29
N TYR A 271 20.69 24.26 18.65
CA TYR A 271 20.75 24.73 20.03
C TYR A 271 19.49 24.37 20.82
N LEU A 272 19.70 23.65 21.92
CA LEU A 272 18.60 23.21 22.78
C LEU A 272 18.51 24.07 24.05
N LYS A 273 17.29 24.36 24.49
CA LYS A 273 17.05 25.14 25.70
C LYS A 273 17.98 24.62 26.78
N GLY A 274 18.74 25.52 27.40
CA GLY A 274 19.67 25.09 28.43
C GLY A 274 21.11 25.08 27.96
N GLY A 275 21.37 25.73 26.83
CA GLY A 275 22.72 25.81 26.30
C GLY A 275 23.25 24.56 25.61
N LYS A 276 22.53 23.45 25.74
CA LYS A 276 22.94 22.19 25.12
C LYS A 276 22.99 22.36 23.60
N VAL A 277 24.07 21.86 22.93
CA VAL A 277 24.23 22.07 21.50
C VAL A 277 24.46 20.74 20.78
N LEU A 278 23.77 20.58 19.62
CA LEU A 278 23.92 19.40 18.77
C LEU A 278 24.55 19.71 17.41
N SER A 279 25.36 18.78 16.93
CA SER A 279 26.02 18.93 15.63
C SER A 279 26.13 17.61 14.85
N ASN A 280 26.30 17.72 13.54
CA ASN A 280 26.43 16.57 12.65
C ASN A 280 25.15 15.73 12.61
N ILE A 281 24.00 16.35 12.80
CA ILE A 281 22.73 15.66 12.75
C ILE A 281 22.34 15.52 11.29
N ASP A 282 22.26 14.28 10.83
CA ASP A 282 21.91 14.02 9.43
C ASP A 282 20.43 14.22 9.16
N ARG A 283 19.60 13.83 10.12
CA ARG A 283 18.16 13.99 9.95
C ARG A 283 17.45 14.54 11.18
N VAL A 284 16.60 15.52 10.95
CA VAL A 284 15.79 16.07 12.02
C VAL A 284 14.38 15.64 11.61
N ILE A 285 13.75 14.82 12.43
CA ILE A 285 12.39 14.38 12.10
C ILE A 285 11.38 14.96 13.06
N TYR A 286 10.57 15.89 12.58
CA TYR A 286 9.55 16.52 13.40
C TYR A 286 8.32 15.63 13.62
N CYS A 287 8.17 15.15 14.85
CA CYS A 287 7.03 14.32 15.24
C CYS A 287 6.20 15.20 16.16
N THR A 288 5.95 16.41 15.67
CA THR A 288 5.22 17.41 16.42
C THR A 288 3.73 17.51 16.12
N GLY A 289 3.19 16.47 15.51
CA GLY A 289 1.76 16.47 15.22
C GLY A 289 1.25 17.23 14.02
N TYR A 290 -0.04 17.54 14.05
CA TYR A 290 -0.70 18.22 12.95
C TYR A 290 -1.58 19.38 13.43
N LEU A 291 -2.20 20.06 12.47
CA LEU A 291 -3.08 21.18 12.74
C LEU A 291 -4.46 20.84 12.26
N TYR A 292 -5.49 21.32 12.93
CA TYR A 292 -6.84 21.06 12.46
C TYR A 292 -6.97 21.99 11.25
N SER A 293 -7.81 21.61 10.30
CA SER A 293 -7.96 22.40 9.09
C SER A 293 -9.37 22.41 8.52
N VAL A 294 -9.82 23.60 8.13
CA VAL A 294 -11.12 23.78 7.52
C VAL A 294 -10.84 24.64 6.29
N PRO A 295 -10.25 24.03 5.25
CA PRO A 295 -9.86 24.63 3.98
C PRO A 295 -11.02 25.00 3.06
N PHE A 296 -12.07 25.58 3.64
CA PHE A 296 -13.22 25.99 2.85
C PHE A 296 -13.41 27.48 3.05
N PRO A 297 -13.08 28.28 2.02
CA PRO A 297 -13.18 29.75 1.98
C PRO A 297 -14.29 30.38 2.80
N SER A 298 -15.52 30.02 2.51
CA SER A 298 -16.67 30.58 3.21
C SER A 298 -16.73 30.24 4.69
N LEU A 299 -15.93 29.28 5.13
CA LEU A 299 -15.93 28.91 6.54
C LEU A 299 -14.68 29.44 7.22
N ALA A 300 -13.60 29.52 6.47
CA ALA A 300 -12.33 30.00 7.00
C ALA A 300 -12.31 31.52 7.22
N LYS A 301 -13.12 32.26 6.45
CA LYS A 301 -13.16 33.71 6.59
C LYS A 301 -13.84 34.11 7.89
N LEU A 302 -14.72 33.23 8.39
CA LEU A 302 -15.42 33.48 9.63
C LEU A 302 -14.43 33.70 10.78
N LYS A 303 -14.32 34.93 11.26
CA LYS A 303 -13.37 35.24 12.33
C LYS A 303 -13.96 35.59 13.70
N SER A 304 -15.20 36.07 13.74
CA SER A 304 -15.82 36.45 15.00
C SER A 304 -15.98 35.31 16.01
N PRO A 305 -15.68 35.60 17.29
CA PRO A 305 -15.77 34.64 18.40
C PRO A 305 -17.01 33.76 18.38
N GLU A 306 -18.14 34.35 18.00
CA GLU A 306 -19.40 33.63 17.95
C GLU A 306 -19.58 32.75 16.71
N THR A 307 -18.87 33.06 15.62
CA THR A 307 -19.03 32.28 14.39
C THR A 307 -17.81 31.54 13.87
N LYS A 308 -16.62 31.87 14.36
CA LYS A 308 -15.41 31.23 13.84
C LYS A 308 -15.28 29.73 14.06
N LEU A 309 -14.60 29.07 13.12
CA LEU A 309 -14.38 27.64 13.18
C LEU A 309 -12.90 27.36 13.45
N ILE A 310 -12.02 28.04 12.73
CA ILE A 310 -10.59 27.83 12.90
C ILE A 310 -9.79 29.11 13.08
N ASP A 311 -8.77 29.06 13.93
CA ASP A 311 -7.88 30.19 14.14
C ASP A 311 -6.43 29.75 13.97
N ASP A 312 -5.84 29.17 15.00
CA ASP A 312 -4.44 28.73 14.90
C ASP A 312 -4.32 27.25 14.56
N GLY A 313 -5.45 26.57 14.44
CA GLY A 313 -5.43 25.15 14.11
C GLY A 313 -5.27 24.23 15.31
N SER A 314 -5.35 24.80 16.51
CA SER A 314 -5.22 24.01 17.73
C SER A 314 -6.48 23.17 17.91
N HIS A 315 -7.59 23.61 17.32
CA HIS A 315 -8.85 22.91 17.44
C HIS A 315 -9.88 23.60 16.55
N VAL A 316 -11.07 23.04 16.52
CA VAL A 316 -12.17 23.63 15.75
C VAL A 316 -13.08 24.27 16.79
N HIS A 317 -13.39 25.54 16.60
CA HIS A 317 -14.22 26.26 17.56
C HIS A 317 -15.72 26.25 17.31
N ASN A 318 -16.46 26.55 18.37
CA ASN A 318 -17.92 26.63 18.32
C ASN A 318 -18.63 25.35 17.92
N VAL A 319 -18.15 24.21 18.39
CA VAL A 319 -18.82 22.95 18.06
C VAL A 319 -19.34 22.26 19.32
N TYR A 320 -20.65 22.35 19.56
CA TYR A 320 -21.28 21.74 20.72
C TYR A 320 -21.01 20.25 20.75
N GLN A 321 -20.44 19.76 21.85
CA GLN A 321 -20.09 18.35 22.01
C GLN A 321 -19.08 17.91 20.96
N HIS A 322 -18.35 18.88 20.41
CA HIS A 322 -17.33 18.65 19.38
C HIS A 322 -17.99 18.26 18.07
N ILE A 323 -19.31 18.44 17.99
CA ILE A 323 -20.06 18.07 16.81
C ILE A 323 -20.81 19.18 16.08
N PHE A 324 -21.86 19.70 16.71
CA PHE A 324 -22.70 20.72 16.09
C PHE A 324 -22.24 22.17 16.15
N TYR A 325 -22.09 22.77 14.98
CA TYR A 325 -21.72 24.16 14.85
C TYR A 325 -22.84 24.92 15.59
N ILE A 326 -22.49 25.55 16.71
CA ILE A 326 -23.48 26.25 17.52
C ILE A 326 -24.37 27.23 16.75
N PRO A 327 -23.78 28.11 15.92
CA PRO A 327 -24.58 29.09 15.17
C PRO A 327 -25.60 28.46 14.22
N ASP A 328 -25.24 27.31 13.63
CA ASP A 328 -26.10 26.62 12.68
C ASP A 328 -25.86 25.11 12.80
N PRO A 329 -26.68 24.42 13.60
CA PRO A 329 -26.48 22.98 13.75
C PRO A 329 -26.61 22.11 12.49
N THR A 330 -26.87 22.71 11.34
CA THR A 330 -26.98 21.92 10.10
C THR A 330 -25.58 21.67 9.56
N LEU A 331 -24.58 22.17 10.29
CA LEU A 331 -23.18 21.97 9.95
C LEU A 331 -22.62 21.23 11.15
N ALA A 332 -22.03 20.06 10.93
CA ALA A 332 -21.48 19.29 12.03
C ALA A 332 -20.13 18.68 11.65
N PHE A 333 -19.43 18.17 12.66
CA PHE A 333 -18.13 17.55 12.48
C PHE A 333 -18.08 16.23 13.22
N VAL A 334 -17.46 15.22 12.62
CA VAL A 334 -17.29 13.92 13.24
C VAL A 334 -15.83 13.57 13.12
N GLY A 335 -15.21 13.15 14.21
CA GLY A 335 -13.81 12.78 14.17
C GLY A 335 -12.80 13.77 14.72
N LEU A 336 -13.27 14.84 15.37
CA LEU A 336 -12.37 15.85 15.93
C LEU A 336 -11.68 15.41 17.22
N ALA A 337 -12.28 14.45 17.93
CA ALA A 337 -11.72 13.99 19.19
C ALA A 337 -10.23 13.62 19.13
N LEU A 338 -9.52 13.97 20.21
CA LEU A 338 -8.10 13.71 20.33
C LEU A 338 -7.87 12.72 21.48
N HIS A 339 -6.85 11.88 21.37
CA HIS A 339 -6.52 10.91 22.42
C HIS A 339 -7.65 9.91 22.68
N VAL A 340 -8.26 9.43 21.61
CA VAL A 340 -9.36 8.48 21.71
C VAL A 340 -9.11 7.26 20.82
N VAL A 341 -10.07 6.35 20.82
CA VAL A 341 -10.01 5.19 19.96
C VAL A 341 -10.98 5.67 18.89
N PRO A 342 -10.44 6.15 17.76
CA PRO A 342 -11.14 6.69 16.59
C PRO A 342 -12.45 6.09 16.09
N PHE A 343 -12.43 4.85 15.62
CA PHE A 343 -13.64 4.23 15.08
C PHE A 343 -14.84 4.25 16.02
N PRO A 344 -14.69 3.76 17.25
CA PRO A 344 -15.81 3.76 18.21
C PRO A 344 -16.29 5.16 18.54
N THR A 345 -15.34 6.07 18.73
CA THR A 345 -15.66 7.44 19.07
C THR A 345 -16.42 8.16 17.96
N SER A 346 -16.02 7.95 16.71
CA SER A 346 -16.73 8.60 15.62
C SER A 346 -18.09 7.97 15.44
N GLN A 347 -18.19 6.66 15.70
CA GLN A 347 -19.49 6.00 15.57
C GLN A 347 -20.44 6.54 16.63
N ALA A 348 -19.91 6.77 17.84
CA ALA A 348 -20.73 7.31 18.94
C ALA A 348 -21.32 8.64 18.51
N GLN A 349 -20.48 9.48 17.90
CA GLN A 349 -20.91 10.79 17.44
C GLN A 349 -21.93 10.63 16.30
N ALA A 350 -21.61 9.76 15.35
CA ALA A 350 -22.48 9.52 14.20
C ALA A 350 -23.90 9.08 14.60
N ALA A 351 -24.01 8.17 15.56
CA ALA A 351 -25.31 7.71 16.00
C ALA A 351 -26.11 8.90 16.52
N PHE A 352 -25.48 9.68 17.40
CA PHE A 352 -26.12 10.85 17.98
C PHE A 352 -26.48 11.86 16.89
N LEU A 353 -25.51 12.14 16.02
CA LEU A 353 -25.73 13.09 14.93
C LEU A 353 -26.92 12.71 14.07
N ALA A 354 -27.03 11.43 13.72
CA ALA A 354 -28.14 10.97 12.89
C ALA A 354 -29.51 11.19 13.54
N ARG A 355 -29.65 10.83 14.80
CA ARG A 355 -30.92 10.97 15.52
C ARG A 355 -31.32 12.43 15.74
N VAL A 356 -30.35 13.34 15.70
CA VAL A 356 -30.63 14.75 15.88
C VAL A 356 -31.07 15.36 14.55
N TRP A 357 -30.41 14.97 13.46
CA TRP A 357 -30.77 15.50 12.16
C TRP A 357 -32.06 14.91 11.58
N SER A 358 -32.54 13.82 12.16
CA SER A 358 -33.77 13.19 11.70
C SER A 358 -34.92 13.62 12.61
N GLY A 359 -34.60 14.51 13.56
CA GLY A 359 -35.59 15.02 14.47
C GLY A 359 -35.99 14.09 15.61
N ARG A 360 -35.43 12.90 15.65
CA ARG A 360 -35.77 11.97 16.71
C ARG A 360 -35.12 12.31 18.04
N LEU A 361 -34.36 13.39 18.02
CA LEU A 361 -33.69 13.89 19.22
C LEU A 361 -33.57 15.40 19.09
N LYS A 362 -33.59 16.09 20.22
CA LYS A 362 -33.49 17.54 20.23
C LYS A 362 -32.26 18.00 21.00
N LEU A 363 -31.57 18.99 20.44
CA LEU A 363 -30.40 19.54 21.08
C LEU A 363 -30.86 20.53 22.14
N PRO A 364 -30.05 20.72 23.20
CA PRO A 364 -30.48 21.69 24.21
C PRO A 364 -30.48 23.06 23.56
N SER A 365 -30.94 24.08 24.29
CA SER A 365 -31.01 25.44 23.76
C SER A 365 -29.64 25.96 23.35
N LYS A 366 -29.65 27.03 22.56
CA LYS A 366 -28.40 27.62 22.10
C LYS A 366 -27.55 28.17 23.24
N GLU A 367 -28.18 28.80 24.23
CA GLU A 367 -27.41 29.36 25.33
C GLU A 367 -26.79 28.25 26.17
N GLU A 368 -27.53 27.17 26.36
CA GLU A 368 -27.02 26.06 27.14
C GLU A 368 -25.84 25.40 26.41
N GLN A 369 -25.87 25.41 25.08
CA GLN A 369 -24.81 24.84 24.28
C GLN A 369 -23.57 25.72 24.46
N LEU A 370 -23.78 27.03 24.39
CA LEU A 370 -22.70 27.99 24.57
C LEU A 370 -22.12 27.83 25.97
N LYS A 371 -22.99 27.53 26.93
CA LYS A 371 -22.49 27.32 28.29
C LYS A 371 -21.52 26.15 28.34
N TRP A 372 -21.96 25.06 27.70
CA TRP A 372 -21.14 23.85 27.61
C TRP A 372 -19.74 24.23 27.11
N GLN A 373 -19.70 25.09 26.10
CA GLN A 373 -18.41 25.52 25.55
C GLN A 373 -17.64 26.42 26.52
N ASP A 374 -18.33 27.37 27.14
CA ASP A 374 -17.67 28.26 28.10
C ASP A 374 -17.04 27.46 29.22
N GLU A 375 -17.74 26.45 29.70
CA GLU A 375 -17.21 25.62 30.77
C GLU A 375 -15.99 24.82 30.29
N LEU A 376 -15.98 24.45 29.01
CA LEU A 376 -14.87 23.70 28.44
C LEU A 376 -13.63 24.60 28.35
N PHE A 378 -12.89 27.20 29.97
CA PHE A 378 -12.41 27.49 31.32
C PHE A 378 -11.49 26.39 31.83
N SER A 379 -11.93 25.13 31.70
CA SER A 379 -11.14 23.99 32.17
C SER A 379 -9.83 23.83 31.41
N LEU A 380 -9.79 24.33 30.17
CA LEU A 380 -8.59 24.22 29.35
C LEU A 380 -7.44 25.09 29.84
N SER A 381 -7.75 26.09 30.64
CA SER A 381 -6.73 27.00 31.17
C SER A 381 -5.80 27.51 30.07
N GLY A 382 -6.38 28.00 28.98
CA GLY A 382 -5.57 28.51 27.88
C GLY A 382 -4.88 27.47 27.01
N ALA A 383 -5.06 26.18 27.33
CA ALA A 383 -4.45 25.10 26.55
C ALA A 383 -5.45 24.66 25.48
N ASN A 384 -5.66 25.52 24.49
CA ASN A 384 -6.62 25.27 23.42
C ASN A 384 -6.41 24.01 22.60
N ASN A 385 -5.18 23.51 22.51
CA ASN A 385 -4.95 22.30 21.74
C ASN A 385 -5.42 21.06 22.49
N TYR A 387 -8.58 21.15 23.64
CA TYR A 387 -10.01 21.36 23.47
C TYR A 387 -10.78 20.08 23.11
N HIS A 388 -10.33 19.34 22.11
CA HIS A 388 -11.00 18.11 21.71
C HIS A 388 -10.42 16.86 22.36
N SER A 389 -9.55 17.02 23.36
CA SER A 389 -8.96 15.85 24.00
C SER A 389 -9.94 15.19 24.95
N LEU A 390 -10.07 13.88 24.81
CA LEU A 390 -10.97 13.10 25.65
C LEU A 390 -10.22 11.90 26.22
N ASP A 391 -9.00 12.14 26.70
CA ASP A 391 -8.19 11.07 27.26
C ASP A 391 -9.01 10.39 28.35
N TYR A 392 -8.89 9.06 28.46
CA TYR A 392 -9.64 8.33 29.48
C TYR A 392 -9.47 9.06 30.81
N PRO A 393 -10.53 9.10 31.64
CA PRO A 393 -11.87 8.53 31.43
C PRO A 393 -12.84 9.40 30.66
N LYS A 394 -12.38 10.53 30.12
CA LYS A 394 -13.27 11.41 29.38
C LYS A 394 -13.96 10.72 28.21
N ASP A 395 -13.18 9.97 27.42
CA ASP A 395 -13.74 9.30 26.25
C ASP A 395 -14.80 8.26 26.62
N ALA A 396 -14.54 7.47 27.65
CA ALA A 396 -15.49 6.45 28.08
C ALA A 396 -16.78 7.12 28.52
N THR A 397 -16.64 8.19 29.30
CA THR A 397 -17.79 8.94 29.79
C THR A 397 -18.57 9.54 28.64
N TYR A 398 -17.84 10.14 27.71
CA TYR A 398 -18.41 10.77 26.52
C TYR A 398 -19.23 9.81 25.65
N ILE A 399 -18.65 8.67 25.31
CA ILE A 399 -19.32 7.71 24.44
C ILE A 399 -20.55 7.12 25.15
N ASN A 400 -20.42 6.84 26.44
CA ASN A 400 -21.53 6.28 27.19
C ASN A 400 -22.63 7.31 27.35
N LYS A 401 -22.25 8.59 27.36
CA LYS A 401 -23.23 9.66 27.46
C LYS A 401 -24.03 9.66 26.15
N LEU A 402 -23.33 9.68 25.01
CA LEU A 402 -24.00 9.68 23.73
C LEU A 402 -24.82 8.41 23.53
N HIS A 403 -24.31 7.30 24.06
CA HIS A 403 -25.03 6.05 23.93
C HIS A 403 -26.37 6.16 24.64
N ASP A 404 -26.35 6.70 25.86
CA ASP A 404 -27.58 6.83 26.62
C ASP A 404 -28.53 7.89 26.05
N TRP A 405 -27.99 8.94 25.43
CA TRP A 405 -28.85 9.95 24.83
C TRP A 405 -29.55 9.37 23.63
N CYS A 406 -28.82 8.57 22.86
CA CYS A 406 -29.37 7.96 21.65
C CYS A 406 -30.54 7.02 21.96
N LYS A 407 -30.50 6.36 23.11
CA LYS A 407 -31.57 5.45 23.48
C LYS A 407 -32.89 6.18 23.64
N GLN A 408 -32.82 7.48 23.94
CA GLN A 408 -34.03 8.27 24.12
C GLN A 408 -34.74 8.59 22.81
N ALA A 409 -34.04 8.41 21.70
CA ALA A 409 -34.64 8.71 20.42
C ALA A 409 -36.00 8.05 20.29
N THR A 410 -36.91 8.72 19.60
CA THR A 410 -38.26 8.21 19.36
C THR A 410 -38.70 8.72 18.00
N PRO A 411 -39.48 7.92 17.27
CA PRO A 411 -39.93 6.59 17.69
C PRO A 411 -38.84 5.53 17.51
N VAL A 412 -39.05 4.35 18.11
CA VAL A 412 -38.10 3.27 17.98
C VAL A 412 -38.26 2.68 16.59
N LEU A 413 -37.13 2.42 15.92
CA LEU A 413 -37.16 1.85 14.58
C LEU A 413 -36.96 0.36 14.68
N GLU A 414 -37.36 -0.35 13.63
CA GLU A 414 -37.22 -1.81 13.61
C GLU A 414 -35.75 -2.17 13.77
N GLU A 415 -34.90 -1.39 13.10
CA GLU A 415 -33.45 -1.58 13.15
C GLU A 415 -32.77 -0.30 13.61
N GLU A 416 -32.26 -0.32 14.83
CA GLU A 416 -31.56 0.83 15.41
C GLU A 416 -30.04 0.78 15.21
N PHE A 417 -29.49 1.74 14.48
CA PHE A 417 -28.05 1.79 14.28
C PHE A 417 -27.47 1.82 15.70
N PRO A 418 -26.57 0.87 16.02
CA PRO A 418 -25.97 0.79 17.35
C PRO A 418 -25.02 1.90 17.80
N SER A 419 -25.08 2.18 19.10
CA SER A 419 -24.21 3.16 19.74
C SER A 419 -23.27 2.31 20.60
N PRO A 420 -21.96 2.50 20.45
CA PRO A 420 -21.08 1.68 21.29
C PRO A 420 -21.21 2.08 22.75
N TYR A 421 -20.85 1.15 23.62
CA TYR A 421 -20.93 1.38 25.06
C TYR A 421 -19.74 0.67 25.67
N TRP A 422 -19.03 1.34 26.57
CA TRP A 422 -17.88 0.72 27.22
C TRP A 422 -18.21 0.37 28.66
N GLY A 423 -18.34 -0.92 28.92
CA GLY A 423 -18.63 -1.40 30.26
C GLY A 423 -17.36 -1.43 31.09
N GLU A 424 -17.44 -2.04 32.26
CA GLU A 424 -16.31 -2.15 33.15
C GLU A 424 -15.13 -2.80 32.46
N LYS A 425 -15.40 -3.87 31.71
CA LYS A 425 -14.36 -4.60 30.98
C LYS A 425 -13.66 -3.70 29.95
N GLU A 426 -14.43 -3.01 29.11
CA GLU A 426 -13.85 -2.13 28.10
C GLU A 426 -13.05 -0.99 28.73
N ARG A 427 -13.65 -0.30 29.70
CA ARG A 427 -12.98 0.81 30.37
C ARG A 427 -11.61 0.42 30.90
N SER A 428 -11.55 -0.76 31.50
CA SER A 428 -10.30 -1.26 32.08
C SER A 428 -9.21 -1.35 31.02
N ILE A 429 -9.57 -1.90 29.86
CA ILE A 429 -8.61 -2.02 28.77
C ILE A 429 -8.17 -0.65 28.29
N ARG A 430 -9.13 0.27 28.20
CA ARG A 430 -8.81 1.63 27.76
C ARG A 430 -7.91 2.35 28.76
N GLU A 431 -8.10 2.09 30.05
CA GLU A 431 -7.27 2.75 31.06
C GLU A 431 -5.83 2.26 31.04
N ASN A 432 -5.64 0.97 30.82
CA ASN A 432 -4.30 0.39 30.79
C ASN A 432 -3.86 0.13 29.35
N TRP A 434 -2.03 1.68 27.05
CA TRP A 434 -0.61 1.76 26.71
C TRP A 434 0.27 0.71 27.36
N SER A 435 -0.17 0.18 28.50
CA SER A 435 0.57 -0.86 29.20
C SER A 435 0.33 -2.18 28.48
N ILE A 436 -0.93 -2.40 28.10
CA ILE A 436 -1.30 -3.61 27.38
C ILE A 436 -0.53 -3.63 26.07
N ARG A 437 -0.35 -2.45 25.49
CA ARG A 437 0.37 -2.29 24.24
C ARG A 437 1.87 -2.55 24.43
N ALA A 438 2.42 -1.98 25.51
CA ALA A 438 3.83 -2.15 25.83
C ALA A 438 4.17 -3.61 26.01
N LYS A 439 3.28 -4.35 26.66
CA LYS A 439 3.51 -5.76 26.89
C LYS A 439 3.44 -6.53 25.57
N PHE A 440 2.54 -6.08 24.70
CA PHE A 440 2.36 -6.73 23.40
C PHE A 440 3.62 -6.63 22.55
N PHE A 441 4.20 -5.44 22.48
CA PHE A 441 5.41 -5.23 21.71
C PHE A 441 6.65 -5.41 22.57
N GLY A 442 6.48 -6.06 23.72
CA GLY A 442 7.58 -6.30 24.63
C GLY A 442 8.47 -5.10 24.86
N ILE A 443 7.89 -3.97 25.27
CA ILE A 443 8.68 -2.77 25.52
C ILE A 443 8.43 -2.11 26.87
N GLU A 444 9.09 -0.96 27.07
CA GLU A 444 9.03 -0.13 28.28
C GLU A 444 9.27 -0.91 29.58
N LEU B 3 31.06 -26.41 -6.92
CA LEU B 3 32.05 -26.89 -5.90
C LEU B 3 31.33 -27.79 -4.89
N PRO B 4 30.56 -28.79 -5.40
CA PRO B 4 29.79 -29.74 -4.60
C PRO B 4 29.54 -29.39 -3.13
N THR B 5 30.56 -29.43 -2.27
CA THR B 5 30.31 -29.08 -0.87
C THR B 5 29.98 -27.59 -0.84
N ILE B 6 28.69 -27.29 -0.77
CA ILE B 6 28.22 -25.91 -0.76
C ILE B 6 28.01 -25.46 0.67
N ARG B 7 28.56 -24.29 1.00
CA ARG B 7 28.45 -23.76 2.34
C ARG B 7 27.86 -22.34 2.38
N LYS B 8 28.16 -21.52 1.38
CA LYS B 8 27.68 -20.15 1.35
C LYS B 8 26.81 -19.90 0.11
N ILE B 9 25.54 -19.60 0.36
CA ILE B 9 24.58 -19.39 -0.71
C ILE B 9 24.02 -17.97 -0.76
N ALA B 10 23.95 -17.42 -1.96
CA ALA B 10 23.40 -16.09 -2.15
C ALA B 10 22.03 -16.26 -2.86
N ILE B 11 21.02 -15.57 -2.34
CA ILE B 11 19.67 -15.62 -2.91
C ILE B 11 19.33 -14.23 -3.45
N ILE B 12 19.11 -14.12 -4.76
CA ILE B 12 18.81 -12.82 -5.35
C ILE B 12 17.30 -12.56 -5.38
N GLY B 13 16.84 -11.67 -4.51
CA GLY B 13 15.42 -11.36 -4.43
C GLY B 13 14.82 -11.90 -3.14
N ALA B 14 14.03 -11.08 -2.46
CA ALA B 14 13.39 -11.50 -1.22
C ALA B 14 11.87 -11.53 -1.39
N GLY B 15 11.44 -11.98 -2.56
CA GLY B 15 10.01 -12.08 -2.84
C GLY B 15 9.56 -13.46 -2.44
N PRO B 16 8.32 -13.85 -2.74
CA PRO B 16 7.84 -15.18 -2.36
C PRO B 16 8.79 -16.34 -2.74
N SER B 17 9.44 -16.25 -3.89
CA SER B 17 10.34 -17.31 -4.32
C SER B 17 11.63 -17.33 -3.52
N GLY B 18 12.27 -16.17 -3.37
CA GLY B 18 13.49 -16.08 -2.61
C GLY B 18 13.30 -16.49 -1.15
N LEU B 19 12.20 -16.05 -0.56
CA LEU B 19 11.90 -16.36 0.84
C LEU B 19 11.73 -17.86 1.10
N VAL B 20 10.96 -18.54 0.25
CA VAL B 20 10.74 -19.96 0.46
C VAL B 20 12.04 -20.73 0.16
N THR B 21 12.84 -20.20 -0.74
CA THR B 21 14.12 -20.81 -1.07
C THR B 21 14.99 -20.76 0.19
N ALA B 22 14.98 -19.60 0.86
CA ALA B 22 15.76 -19.43 2.08
C ALA B 22 15.35 -20.43 3.17
N LYS B 23 14.05 -20.53 3.42
CA LYS B 23 13.58 -21.46 4.45
C LYS B 23 13.95 -22.92 4.15
N ALA B 24 13.90 -23.32 2.89
CA ALA B 24 14.23 -24.68 2.49
C ALA B 24 15.72 -24.95 2.69
N LEU B 25 16.55 -23.97 2.31
CA LEU B 25 17.99 -24.09 2.44
C LEU B 25 18.41 -24.18 3.91
N LEU B 26 17.89 -23.27 4.72
CA LEU B 26 18.20 -23.27 6.16
C LEU B 26 17.71 -24.56 6.83
N ALA B 27 16.66 -25.19 6.29
CA ALA B 27 16.14 -26.42 6.87
C ALA B 27 17.06 -27.62 6.63
N GLU B 28 18.01 -27.50 5.70
CA GLU B 28 18.93 -28.60 5.43
C GLU B 28 19.99 -28.70 6.52
N LYS B 29 20.13 -27.62 7.28
CA LYS B 29 21.11 -27.57 8.36
C LYS B 29 22.48 -27.97 7.81
N ALA B 30 22.78 -27.54 6.59
CA ALA B 30 24.05 -27.89 5.98
C ALA B 30 24.85 -26.71 5.44
N PHE B 31 24.27 -25.52 5.46
CA PHE B 31 24.98 -24.36 4.96
C PHE B 31 25.36 -23.42 6.10
N ASP B 32 26.51 -22.77 5.97
CA ASP B 32 26.98 -21.86 7.01
C ASP B 32 26.42 -20.46 6.83
N GLN B 33 26.14 -20.11 5.58
CA GLN B 33 25.62 -18.80 5.27
C GLN B 33 24.58 -18.82 4.15
N VAL B 34 23.42 -18.23 4.43
CA VAL B 34 22.34 -18.12 3.45
C VAL B 34 22.02 -16.64 3.50
N THR B 35 22.31 -15.93 2.42
CA THR B 35 22.07 -14.50 2.37
C THR B 35 21.13 -14.11 1.24
N LEU B 36 20.12 -13.29 1.57
CA LEU B 36 19.17 -12.81 0.57
C LEU B 36 19.47 -11.36 0.26
N PHE B 37 19.38 -10.99 -1.01
CA PHE B 37 19.60 -9.62 -1.45
C PHE B 37 18.27 -9.08 -1.99
N GLU B 38 17.90 -7.90 -1.54
CA GLU B 38 16.65 -7.28 -1.96
C GLU B 38 16.80 -5.77 -2.10
N ARG B 39 16.47 -5.26 -3.29
CA ARG B 39 16.56 -3.83 -3.59
C ARG B 39 15.46 -3.04 -2.89
N ARG B 40 14.31 -3.66 -2.66
CA ARG B 40 13.22 -2.99 -1.97
C ARG B 40 13.58 -2.86 -0.48
N GLY B 41 12.91 -1.95 0.23
CA GLY B 41 13.19 -1.78 1.65
C GLY B 41 12.60 -2.92 2.47
N SER B 42 11.75 -3.71 1.84
CA SER B 42 11.09 -4.82 2.53
C SER B 42 10.92 -6.05 1.63
N PRO B 43 10.71 -7.22 2.25
CA PRO B 43 10.52 -8.48 1.50
C PRO B 43 9.08 -8.57 0.99
N GLY B 44 8.76 -9.65 0.28
CA GLY B 44 7.40 -9.82 -0.22
C GLY B 44 7.22 -9.61 -1.73
N GLY B 45 8.30 -9.21 -2.41
CA GLY B 45 8.24 -9.00 -3.84
C GLY B 45 7.14 -8.08 -4.30
N VAL B 46 6.41 -8.48 -5.35
CA VAL B 46 5.33 -7.63 -5.87
C VAL B 46 4.21 -7.35 -4.87
N TRP B 47 4.16 -8.10 -3.77
CA TRP B 47 3.12 -7.86 -2.79
C TRP B 47 3.49 -6.69 -1.86
N ASN B 48 4.05 -5.67 -2.49
CA ASN B 48 4.45 -4.45 -1.81
C ASN B 48 3.71 -3.42 -2.65
N TYR B 49 2.42 -3.23 -2.37
CA TYR B 49 1.62 -2.29 -3.14
C TYR B 49 2.18 -0.88 -3.12
N THR B 50 2.37 -0.29 -4.29
CA THR B 50 2.91 1.05 -4.39
C THR B 50 2.05 2.00 -5.19
N SER B 51 1.54 3.04 -4.52
CA SER B 51 0.73 4.02 -5.22
C SER B 51 1.61 4.67 -6.30
N THR B 52 2.93 4.55 -6.12
CA THR B 52 3.91 5.10 -7.04
C THR B 52 4.03 4.31 -8.34
N LEU B 53 3.96 5.02 -9.47
CA LEU B 53 4.08 4.37 -10.78
C LEU B 53 5.51 4.40 -11.26
N SER B 54 5.83 3.50 -12.19
CA SER B 54 7.17 3.48 -12.76
C SER B 54 7.27 4.83 -13.44
N ASN B 55 8.42 5.47 -13.31
CA ASN B 55 8.65 6.79 -13.87
C ASN B 55 8.73 6.85 -15.41
N LYS B 56 9.45 5.90 -16.00
CA LYS B 56 9.63 5.89 -17.45
C LYS B 56 9.26 4.55 -18.09
N LEU B 57 8.05 4.46 -18.63
CA LEU B 57 7.61 3.23 -19.28
C LEU B 57 8.10 3.19 -20.73
N PRO B 58 9.00 2.24 -21.05
CA PRO B 58 9.49 2.15 -22.44
C PRO B 58 8.39 1.68 -23.37
N VAL B 59 8.14 2.45 -24.43
CA VAL B 59 7.14 2.12 -25.43
C VAL B 59 7.73 2.28 -26.82
N PRO B 60 7.90 1.17 -27.56
CA PRO B 60 7.57 -0.21 -27.18
C PRO B 60 8.64 -0.76 -26.25
N SER B 61 8.51 -2.03 -25.86
CA SER B 61 9.48 -2.63 -24.97
C SER B 61 9.76 -4.09 -25.37
N THR B 62 10.94 -4.35 -25.91
CA THR B 62 11.31 -5.70 -26.32
C THR B 62 12.70 -6.10 -25.86
N ASN B 63 13.35 -5.20 -25.13
CA ASN B 63 14.67 -5.51 -24.62
C ASN B 63 14.55 -6.06 -23.21
N PRO B 64 14.78 -7.37 -23.02
CA PRO B 64 14.68 -8.00 -21.70
C PRO B 64 15.78 -7.59 -20.72
N ILE B 65 16.72 -6.78 -21.17
CA ILE B 65 17.82 -6.35 -20.30
C ILE B 65 17.46 -5.08 -19.51
N LEU B 66 16.63 -4.24 -20.11
CA LEU B 66 16.17 -2.97 -19.53
C LEU B 66 16.35 -2.79 -18.03
N THR B 67 17.11 -1.77 -17.65
CA THR B 67 17.37 -1.47 -16.24
C THR B 67 16.14 -0.89 -15.55
N THR B 68 15.81 -1.42 -14.37
CA THR B 68 14.65 -0.93 -13.62
C THR B 68 15.05 0.32 -12.83
N GLU B 69 14.39 1.44 -13.13
CA GLU B 69 14.69 2.73 -12.49
C GLU B 69 13.73 3.06 -11.34
N PRO B 70 14.18 2.94 -10.09
CA PRO B 70 13.29 3.23 -8.96
C PRO B 70 13.03 4.73 -8.83
N ILE B 71 11.99 5.08 -8.07
CA ILE B 71 11.67 6.47 -7.84
C ILE B 71 12.50 6.90 -6.63
N VAL B 72 13.30 7.95 -6.81
CA VAL B 72 14.16 8.44 -5.74
C VAL B 72 13.77 9.83 -5.29
N GLY B 73 14.17 10.16 -4.06
CA GLY B 73 13.86 11.46 -3.50
C GLY B 73 14.78 11.69 -2.32
N PRO B 74 14.98 12.93 -1.90
CA PRO B 74 15.88 13.19 -0.77
C PRO B 74 15.26 12.75 0.57
N ALA B 75 13.94 12.68 0.59
CA ALA B 75 13.19 12.32 1.80
C ALA B 75 12.79 10.84 1.94
N ALA B 76 13.02 10.03 0.94
CA ALA B 76 12.63 8.63 1.04
C ALA B 76 13.63 7.61 0.51
N LEU B 77 13.43 6.35 0.88
CA LEU B 77 14.28 5.26 0.40
C LEU B 77 13.81 5.03 -1.02
N PRO B 78 14.71 4.60 -1.91
CA PRO B 78 14.29 4.38 -3.30
C PRO B 78 13.13 3.38 -3.38
N VAL B 79 12.12 3.71 -4.16
CA VAL B 79 10.95 2.84 -4.33
C VAL B 79 10.93 2.14 -5.68
N TYR B 80 10.72 0.83 -5.65
CA TYR B 80 10.61 0.02 -6.85
C TYR B 80 9.13 -0.32 -6.97
N PRO B 81 8.43 0.36 -7.88
CA PRO B 81 6.99 0.15 -8.11
C PRO B 81 6.58 -1.28 -8.40
N SER B 82 5.47 -1.67 -7.79
CA SER B 82 4.93 -3.00 -7.99
C SER B 82 3.76 -2.86 -8.92
N PRO B 83 3.55 -3.86 -9.77
CA PRO B 83 2.44 -3.83 -10.73
C PRO B 83 1.04 -4.07 -10.14
N LEU B 84 0.95 -4.42 -8.85
CA LEU B 84 -0.37 -4.66 -8.27
C LEU B 84 -1.22 -3.40 -8.28
N TYR B 85 -2.50 -3.56 -8.63
CA TYR B 85 -3.39 -2.42 -8.63
C TYR B 85 -4.22 -2.38 -7.36
N ARG B 86 -4.84 -1.24 -7.11
CA ARG B 86 -5.59 -1.03 -5.89
C ARG B 86 -6.62 -2.04 -5.43
N ASP B 87 -7.55 -2.41 -6.32
CA ASP B 87 -8.61 -3.35 -5.95
C ASP B 87 -8.33 -4.81 -6.30
N LEU B 88 -7.07 -5.13 -6.56
CA LEU B 88 -6.73 -6.48 -6.94
C LEU B 88 -7.06 -7.55 -5.91
N GLN B 89 -7.62 -8.66 -6.40
CA GLN B 89 -7.95 -9.82 -5.59
C GLN B 89 -7.26 -10.98 -6.32
N THR B 90 -6.89 -12.04 -5.61
CA THR B 90 -6.18 -13.15 -6.24
C THR B 90 -6.98 -13.89 -7.31
N ASN B 91 -6.26 -14.55 -8.22
CA ASN B 91 -6.92 -15.35 -9.23
C ASN B 91 -6.56 -16.82 -8.96
N THR B 92 -6.08 -17.05 -7.75
CA THR B 92 -5.69 -18.37 -7.24
C THR B 92 -6.41 -18.53 -5.89
N PRO B 93 -7.17 -19.62 -5.71
CA PRO B 93 -7.92 -19.90 -4.47
C PRO B 93 -7.05 -20.23 -3.26
N ILE B 94 -7.53 -19.88 -2.06
CA ILE B 94 -6.78 -20.15 -0.84
C ILE B 94 -6.50 -21.62 -0.59
N GLU B 95 -7.32 -22.50 -1.15
CA GLU B 95 -7.10 -23.92 -0.96
C GLU B 95 -5.80 -24.37 -1.58
N LEU B 96 -5.28 -23.57 -2.51
CA LEU B 96 -4.05 -23.94 -3.22
C LEU B 96 -2.87 -22.96 -3.17
N GLY B 98 -1.26 -20.88 -0.93
CA GLY B 98 -0.25 -20.65 0.08
C GLY B 98 0.79 -21.73 0.15
N TYR B 99 1.87 -21.50 0.89
CA TYR B 99 2.90 -22.51 1.06
C TYR B 99 2.18 -23.61 1.87
N CYS B 100 2.60 -24.86 1.73
CA CYS B 100 1.91 -25.95 2.43
C CYS B 100 2.06 -25.93 3.95
N ASP B 101 3.01 -25.16 4.46
CA ASP B 101 3.19 -25.09 5.92
C ASP B 101 2.78 -23.76 6.55
N GLN B 102 1.91 -23.01 5.89
CA GLN B 102 1.39 -21.76 6.45
C GLN B 102 0.04 -21.57 5.81
N SER B 103 -1.01 -21.76 6.58
CA SER B 103 -2.35 -21.62 6.05
C SER B 103 -2.85 -20.21 6.27
N PHE B 104 -4.01 -19.92 5.68
CA PHE B 104 -4.62 -18.63 5.82
C PHE B 104 -5.47 -18.65 7.08
N LYS B 105 -5.65 -17.48 7.68
CA LYS B 105 -6.47 -17.36 8.87
C LYS B 105 -7.87 -17.77 8.48
N PRO B 106 -8.65 -18.24 9.45
CA PRO B 106 -10.02 -18.65 9.16
C PRO B 106 -10.81 -17.44 8.73
N GLN B 107 -11.71 -17.67 7.79
CA GLN B 107 -12.65 -16.65 7.35
C GLN B 107 -12.05 -15.78 6.25
N THR B 108 -11.03 -16.25 5.63
CA THR B 108 -10.42 -15.55 4.55
C THR B 108 -11.26 -15.85 3.31
N LEU B 109 -11.42 -14.84 2.47
CA LEU B 109 -12.18 -15.02 1.24
C LEU B 109 -11.41 -16.00 0.37
N GLN B 110 -12.12 -16.79 -0.44
CA GLN B 110 -11.45 -17.77 -1.28
C GLN B 110 -10.46 -17.11 -2.25
N PHE B 111 -10.81 -15.93 -2.75
CA PHE B 111 -9.95 -15.17 -3.66
C PHE B 111 -9.83 -13.80 -3.00
N PRO B 112 -9.06 -13.74 -1.90
CA PRO B 112 -8.82 -12.53 -1.09
C PRO B 112 -8.22 -11.33 -1.79
N HIS B 113 -8.35 -10.18 -1.14
CA HIS B 113 -7.81 -8.93 -1.61
C HIS B 113 -6.30 -9.01 -1.37
N ARG B 114 -5.52 -8.24 -2.11
CA ARG B 114 -4.08 -8.29 -1.95
C ARG B 114 -3.60 -7.97 -0.53
N HIS B 115 -4.42 -7.30 0.27
CA HIS B 115 -4.03 -6.97 1.65
C HIS B 115 -3.73 -8.26 2.39
N THR B 116 -4.59 -9.25 2.20
CA THR B 116 -4.45 -10.54 2.84
C THR B 116 -3.15 -11.26 2.46
N ILE B 117 -2.79 -11.19 1.18
CA ILE B 117 -1.59 -11.84 0.67
C ILE B 117 -0.34 -11.07 1.13
N GLN B 118 -0.42 -9.75 1.16
CA GLN B 118 0.69 -8.92 1.62
C GLN B 118 0.92 -9.22 3.10
N GLU B 119 -0.16 -9.40 3.85
CA GLU B 119 -0.04 -9.70 5.27
C GLU B 119 0.54 -11.10 5.43
N TYR B 120 0.11 -12.01 4.56
CA TYR B 120 0.58 -13.39 4.55
C TYR B 120 2.10 -13.38 4.33
N GLN B 121 2.56 -12.67 3.30
CA GLN B 121 3.98 -12.59 3.02
C GLN B 121 4.74 -11.90 4.15
N ARG B 122 4.15 -10.89 4.76
CA ARG B 122 4.81 -10.20 5.87
C ARG B 122 5.12 -11.17 6.99
N ILE B 123 4.14 -12.00 7.32
CA ILE B 123 4.26 -13.00 8.39
C ILE B 123 5.29 -14.06 8.02
N TYR B 124 5.28 -14.47 6.77
CA TYR B 124 6.20 -15.50 6.30
C TYR B 124 7.65 -15.01 6.35
N ALA B 125 7.88 -13.78 5.92
CA ALA B 125 9.23 -13.21 5.87
C ALA B 125 9.84 -12.82 7.21
N GLN B 126 8.99 -12.49 8.18
CA GLN B 126 9.46 -12.06 9.49
C GLN B 126 10.71 -12.79 10.04
N PRO B 127 10.63 -14.11 10.24
CA PRO B 127 11.80 -14.82 10.76
C PRO B 127 13.06 -14.80 9.90
N LEU B 128 12.94 -14.35 8.66
CA LEU B 128 14.08 -14.31 7.75
C LEU B 128 14.75 -12.94 7.63
N LEU B 129 14.15 -11.90 8.23
CA LEU B 129 14.71 -10.55 8.15
C LEU B 129 16.19 -10.47 8.49
N PRO B 130 16.63 -11.13 9.57
CA PRO B 130 18.06 -11.03 9.88
C PRO B 130 18.97 -11.67 8.82
N PHE B 131 18.38 -12.43 7.89
CA PHE B 131 19.14 -13.07 6.81
C PHE B 131 19.14 -12.28 5.50
N ILE B 132 18.29 -11.25 5.44
CA ILE B 132 18.16 -10.43 4.24
C ILE B 132 18.93 -9.12 4.27
N LYS B 133 19.59 -8.80 3.15
CA LYS B 133 20.28 -7.52 3.05
C LYS B 133 19.29 -6.67 2.26
N LEU B 134 18.50 -5.88 2.99
CA LEU B 134 17.48 -5.01 2.43
C LEU B 134 18.05 -3.76 1.78
N ALA B 135 17.28 -3.18 0.84
CA ALA B 135 17.70 -1.99 0.11
C ALA B 135 19.11 -2.18 -0.43
N THR B 136 19.30 -3.30 -1.13
CA THR B 136 20.58 -3.65 -1.71
C THR B 136 20.32 -4.25 -3.09
N ASP B 137 20.80 -3.55 -4.11
CA ASP B 137 20.62 -3.95 -5.50
C ASP B 137 21.81 -4.76 -6.02
N VAL B 138 21.57 -6.01 -6.42
CA VAL B 138 22.65 -6.83 -6.96
C VAL B 138 22.95 -6.34 -8.37
N LEU B 139 24.18 -5.88 -8.58
CA LEU B 139 24.61 -5.36 -9.88
C LEU B 139 25.02 -6.41 -10.90
N ASP B 140 25.70 -7.46 -10.44
CA ASP B 140 26.15 -8.49 -11.36
C ASP B 140 26.52 -9.76 -10.65
N ILE B 141 26.60 -10.85 -11.40
CA ILE B 141 26.94 -12.15 -10.86
C ILE B 141 27.86 -12.85 -11.86
N GLU B 142 28.95 -13.44 -11.39
CA GLU B 142 29.85 -14.15 -12.29
C GLU B 142 30.75 -15.16 -11.59
N LYS B 143 31.04 -16.23 -12.31
CA LYS B 143 31.90 -17.29 -11.82
C LYS B 143 33.34 -16.84 -12.05
N LYS B 144 34.05 -16.59 -10.96
CA LYS B 144 35.45 -16.17 -11.03
C LYS B 144 36.17 -17.14 -10.10
N ASP B 145 37.28 -17.71 -10.57
CA ASP B 145 38.02 -18.68 -9.78
C ASP B 145 37.09 -19.86 -9.52
N GLY B 146 37.03 -20.36 -8.30
CA GLY B 146 36.15 -21.49 -8.05
C GLY B 146 34.79 -21.16 -7.46
N SER B 147 34.47 -19.87 -7.39
CA SER B 147 33.19 -19.44 -6.81
C SER B 147 32.46 -18.34 -7.58
N TRP B 148 31.29 -17.98 -7.08
CA TRP B 148 30.48 -16.93 -7.69
C TRP B 148 30.70 -15.61 -6.98
N VAL B 149 30.92 -14.56 -7.77
CA VAL B 149 31.13 -13.24 -7.22
C VAL B 149 29.91 -12.38 -7.52
N VAL B 150 29.17 -12.02 -6.47
CA VAL B 150 28.00 -11.18 -6.66
C VAL B 150 28.33 -9.76 -6.26
N THR B 151 28.21 -8.85 -7.22
CA THR B 151 28.51 -7.45 -6.98
C THR B 151 27.19 -6.76 -6.67
N TYR B 152 27.17 -5.99 -5.58
CA TYR B 152 25.96 -5.30 -5.15
C TYR B 152 26.23 -3.91 -4.58
N LYS B 153 25.25 -3.02 -4.72
CA LYS B 153 25.39 -1.68 -4.20
C LYS B 153 24.19 -1.31 -3.33
N GLY B 154 24.45 -0.86 -2.11
CA GLY B 154 23.39 -0.44 -1.22
C GLY B 154 22.50 0.46 -2.04
N THR B 155 21.20 0.33 -1.88
CA THR B 155 20.25 1.15 -2.64
C THR B 155 20.29 2.68 -2.41
N LYS B 156 20.79 3.09 -1.25
CA LYS B 156 20.83 4.50 -0.94
C LYS B 156 21.89 5.32 -1.66
N ALA B 157 21.57 6.61 -1.85
CA ALA B 157 22.47 7.52 -2.52
C ALA B 157 23.78 7.56 -1.75
N GLY B 158 24.90 7.23 -2.41
CA GLY B 158 26.18 7.25 -1.76
C GLY B 158 26.67 5.91 -1.22
N SER B 159 25.90 4.85 -1.45
CA SER B 159 26.32 3.53 -0.97
C SER B 159 27.46 3.12 -1.89
N PRO B 160 28.45 2.41 -1.35
CA PRO B 160 29.61 1.94 -2.13
C PRO B 160 29.33 0.59 -2.78
N ILE B 161 29.99 0.33 -3.92
CA ILE B 161 29.80 -0.95 -4.62
C ILE B 161 30.62 -2.01 -3.90
N SER B 162 29.96 -3.10 -3.55
CA SER B 162 30.60 -4.18 -2.82
C SER B 162 30.61 -5.49 -3.60
N LYS B 163 31.36 -6.47 -3.09
CA LYS B 163 31.47 -7.78 -3.72
C LYS B 163 31.64 -8.86 -2.67
N ASP B 164 30.99 -10.00 -2.88
CA ASP B 164 31.08 -11.15 -1.99
C ASP B 164 31.07 -12.41 -2.82
N ILE B 165 31.67 -13.48 -2.31
CA ILE B 165 31.70 -14.73 -3.06
C ILE B 165 30.91 -15.82 -2.34
N PHE B 166 30.24 -16.64 -3.12
CA PHE B 166 29.42 -17.73 -2.59
C PHE B 166 29.70 -19.00 -3.38
N ASP B 167 29.29 -20.14 -2.84
CA ASP B 167 29.46 -21.42 -3.52
C ASP B 167 28.32 -21.66 -4.49
N ALA B 168 27.18 -21.00 -4.25
CA ALA B 168 26.01 -21.13 -5.10
C ALA B 168 25.15 -19.86 -5.07
N VAL B 169 24.42 -19.63 -6.15
CA VAL B 169 23.56 -18.45 -6.27
C VAL B 169 22.19 -18.86 -6.79
N SER B 170 21.14 -18.44 -6.08
CA SER B 170 19.78 -18.75 -6.50
C SER B 170 19.11 -17.47 -6.92
N ILE B 171 18.80 -17.35 -8.20
CA ILE B 171 18.16 -16.16 -8.73
C ILE B 171 16.65 -16.32 -8.61
N CYS B 172 16.03 -15.42 -7.84
CA CYS B 172 14.60 -15.43 -7.62
C CYS B 172 14.16 -13.99 -7.85
N ASN B 173 14.67 -13.38 -8.91
CA ASN B 173 14.38 -11.99 -9.19
C ASN B 173 13.02 -11.67 -9.80
N GLY B 174 12.18 -12.68 -9.99
CA GLY B 174 10.86 -12.45 -10.57
C GLY B 174 10.91 -12.21 -12.07
N HIS B 175 9.78 -12.35 -12.73
CA HIS B 175 9.71 -12.13 -14.18
C HIS B 175 8.50 -11.28 -14.61
N TYR B 176 8.02 -10.42 -13.73
CA TYR B 176 6.91 -9.54 -14.07
C TYR B 176 7.27 -8.08 -13.80
N GLU B 177 8.49 -7.70 -14.19
CA GLU B 177 8.99 -6.34 -14.02
C GLU B 177 9.22 -5.62 -15.36
N VAL B 178 10.00 -6.22 -16.25
CA VAL B 178 10.26 -5.62 -17.56
C VAL B 178 9.02 -5.84 -18.42
N PRO B 179 8.34 -4.75 -18.81
CA PRO B 179 7.12 -4.79 -19.63
C PRO B 179 7.37 -5.27 -21.06
N TYR B 180 6.35 -5.90 -21.64
CA TYR B 180 6.46 -6.34 -23.02
C TYR B 180 5.42 -5.64 -23.85
N ILE B 181 5.88 -4.74 -24.72
CA ILE B 181 4.98 -4.03 -25.62
C ILE B 181 5.60 -4.23 -27.00
N PRO B 182 4.87 -4.91 -27.91
CA PRO B 182 5.35 -5.17 -29.27
C PRO B 182 5.70 -3.90 -30.01
N ASN B 183 6.74 -3.95 -30.83
CA ASN B 183 7.12 -2.77 -31.60
C ASN B 183 6.24 -2.61 -32.83
N ILE B 184 5.08 -2.00 -32.64
CA ILE B 184 4.15 -1.76 -33.73
C ILE B 184 4.57 -0.49 -34.46
N LYS B 185 4.29 -0.43 -35.75
CA LYS B 185 4.66 0.74 -36.54
C LYS B 185 3.83 1.95 -36.13
N GLY B 186 4.52 3.03 -35.76
CA GLY B 186 3.85 4.26 -35.37
C GLY B 186 3.55 4.41 -33.88
N LEU B 187 3.55 3.30 -33.16
CA LEU B 187 3.25 3.32 -31.72
C LEU B 187 4.11 4.33 -30.95
N ASP B 188 5.42 4.19 -31.08
CA ASP B 188 6.35 5.09 -30.40
C ASP B 188 5.96 6.54 -30.55
N GLU B 189 5.77 6.98 -31.79
CA GLU B 189 5.39 8.36 -32.06
C GLU B 189 4.03 8.67 -31.45
N TYR B 190 3.07 7.78 -31.68
CA TYR B 190 1.71 7.95 -31.15
C TYR B 190 1.74 8.09 -29.62
N ALA B 191 2.72 7.44 -28.99
CA ALA B 191 2.86 7.47 -27.53
C ALA B 191 3.50 8.75 -26.99
N LYS B 192 4.54 9.23 -27.65
CA LYS B 192 5.30 10.40 -27.24
C LYS B 192 4.52 11.67 -27.56
N ALA B 193 3.58 11.68 -28.47
CA ALA B 193 2.82 12.87 -28.83
C ALA B 193 1.75 13.19 -27.81
N VAL B 194 1.28 12.18 -27.11
CA VAL B 194 0.24 12.38 -26.09
C VAL B 194 0.61 11.54 -24.87
N PRO B 195 1.43 12.07 -23.94
CA PRO B 195 1.85 11.35 -22.73
C PRO B 195 0.62 10.87 -22.00
N GLY B 196 0.59 9.59 -21.64
CA GLY B 196 -0.55 9.05 -20.94
C GLY B 196 -1.58 8.36 -21.82
N SER B 197 -1.42 8.47 -23.14
CA SER B 197 -2.36 7.88 -24.09
C SER B 197 -2.09 6.37 -24.20
N VAL B 198 -0.84 5.98 -24.00
CA VAL B 198 -0.48 4.57 -24.06
C VAL B 198 0.08 4.11 -22.71
N LEU B 199 -0.54 3.10 -22.12
CA LEU B 199 -0.12 2.57 -20.82
C LEU B 199 0.11 1.07 -20.92
N HIS B 200 0.68 0.50 -19.87
CA HIS B 200 0.91 -0.93 -19.77
C HIS B 200 0.21 -1.32 -18.48
N SER B 201 -0.30 -2.55 -18.39
CA SER B 201 -1.00 -3.00 -17.20
C SER B 201 -0.22 -2.74 -15.92
N SER B 202 1.10 -2.80 -15.98
CA SER B 202 1.92 -2.56 -14.80
C SER B 202 1.75 -1.15 -14.21
N LEU B 203 1.08 -0.26 -14.94
CA LEU B 203 0.87 1.12 -14.48
C LEU B 203 -0.54 1.34 -13.96
N PHE B 204 -1.41 0.36 -14.16
CA PHE B 204 -2.79 0.49 -13.70
C PHE B 204 -2.82 0.46 -12.17
N ARG B 205 -3.59 1.38 -11.57
CA ARG B 205 -3.72 1.44 -10.11
C ARG B 205 -5.17 1.69 -9.76
N GLU B 206 -5.65 2.87 -10.11
CA GLU B 206 -7.02 3.25 -9.80
C GLU B 206 -7.84 3.45 -11.08
N PRO B 207 -8.99 2.75 -11.17
CA PRO B 207 -9.87 2.83 -12.33
C PRO B 207 -10.62 4.16 -12.54
N GLU B 208 -10.77 4.95 -11.48
CA GLU B 208 -11.49 6.23 -11.59
C GLU B 208 -10.81 7.19 -12.57
N LEU B 209 -9.57 6.89 -12.92
CA LEU B 209 -8.81 7.72 -13.85
C LEU B 209 -9.44 7.63 -15.25
N PHE B 210 -10.10 6.51 -15.53
CA PHE B 210 -10.69 6.28 -16.84
C PHE B 210 -12.16 6.61 -17.01
N VAL B 211 -12.79 7.20 -15.99
CA VAL B 211 -14.20 7.55 -16.11
C VAL B 211 -14.44 8.43 -17.34
N GLY B 212 -15.40 8.03 -18.17
CA GLY B 212 -15.72 8.80 -19.36
C GLY B 212 -14.77 8.61 -20.53
N GLU B 213 -13.67 7.91 -20.31
CA GLU B 213 -12.73 7.69 -21.38
C GLU B 213 -13.02 6.47 -22.24
N SER B 214 -12.58 6.55 -23.49
CA SER B 214 -12.73 5.48 -24.48
C SER B 214 -11.40 4.73 -24.42
N VAL B 215 -11.45 3.46 -24.02
CA VAL B 215 -10.25 2.67 -23.85
C VAL B 215 -10.09 1.42 -24.71
N LEU B 216 -8.86 1.13 -25.08
CA LEU B 216 -8.54 -0.05 -25.86
C LEU B 216 -7.62 -0.95 -25.04
N VAL B 217 -8.13 -2.09 -24.63
CA VAL B 217 -7.33 -3.05 -23.86
C VAL B 217 -6.70 -4.01 -24.86
N VAL B 218 -5.38 -4.08 -24.87
CA VAL B 218 -4.69 -4.98 -25.78
C VAL B 218 -4.15 -6.20 -25.06
N GLY B 219 -4.75 -7.36 -25.36
CA GLY B 219 -4.33 -8.60 -24.74
C GLY B 219 -5.54 -9.46 -24.50
N GLY B 220 -5.31 -10.72 -24.11
CA GLY B 220 -6.44 -11.62 -23.87
C GLY B 220 -6.26 -12.58 -22.71
N ALA B 221 -5.32 -12.28 -21.81
CA ALA B 221 -5.08 -13.13 -20.65
C ALA B 221 -5.62 -12.45 -19.39
N SER B 222 -5.18 -12.90 -18.22
CA SER B 222 -5.67 -12.35 -16.96
C SER B 222 -5.62 -10.84 -16.80
N SER B 223 -4.52 -10.20 -17.19
CA SER B 223 -4.44 -8.75 -17.06
C SER B 223 -5.51 -8.07 -17.91
N ALA B 224 -5.62 -8.52 -19.16
CA ALA B 224 -6.59 -7.97 -20.09
C ALA B 224 -8.02 -8.16 -19.62
N ASN B 225 -8.37 -9.40 -19.27
CA ASN B 225 -9.73 -9.67 -18.83
C ASN B 225 -10.11 -8.95 -17.53
N ASP B 226 -9.14 -8.85 -16.62
CA ASP B 226 -9.37 -8.17 -15.35
C ASP B 226 -9.56 -6.68 -15.54
N LEU B 227 -8.75 -6.08 -16.40
CA LEU B 227 -8.82 -4.65 -16.68
C LEU B 227 -10.17 -4.32 -17.30
N VAL B 228 -10.56 -5.11 -18.29
CA VAL B 228 -11.84 -4.92 -18.96
C VAL B 228 -12.95 -4.94 -17.93
N ARG B 229 -12.84 -5.84 -16.97
CA ARG B 229 -13.84 -5.93 -15.92
C ARG B 229 -13.83 -4.70 -15.03
N HIS B 230 -12.65 -4.29 -14.57
CA HIS B 230 -12.55 -3.12 -13.69
C HIS B 230 -12.90 -1.81 -14.39
N LEU B 231 -12.72 -1.76 -15.70
CA LEU B 231 -13.00 -0.55 -16.47
C LEU B 231 -14.46 -0.44 -16.88
N THR B 232 -15.15 -1.56 -16.97
CA THR B 232 -16.54 -1.56 -17.40
C THR B 232 -17.45 -0.58 -16.70
N PRO B 233 -17.45 -0.55 -15.36
CA PRO B 233 -18.35 0.41 -14.71
C PRO B 233 -17.94 1.88 -14.74
N VAL B 234 -16.80 2.23 -15.33
CA VAL B 234 -16.37 3.62 -15.35
C VAL B 234 -16.00 4.19 -16.72
N ALA B 235 -15.34 3.38 -17.55
CA ALA B 235 -14.93 3.84 -18.86
C ALA B 235 -16.12 4.04 -19.80
N LYS B 236 -15.90 4.85 -20.83
CA LYS B 236 -16.94 5.11 -21.81
C LYS B 236 -17.24 3.79 -22.53
N HIS B 237 -18.52 3.46 -22.67
CA HIS B 237 -18.91 2.24 -23.37
C HIS B 237 -18.87 2.46 -24.89
N PRO B 238 -18.37 1.47 -25.64
CA PRO B 238 -17.89 0.18 -25.13
C PRO B 238 -16.37 0.17 -24.96
N ILE B 239 -15.87 -0.83 -24.25
CA ILE B 239 -14.45 -0.98 -24.04
C ILE B 239 -14.00 -1.84 -25.21
N TYR B 240 -12.87 -1.49 -25.82
CA TYR B 240 -12.36 -2.28 -26.92
C TYR B 240 -11.23 -3.17 -26.45
N GLN B 241 -11.18 -4.39 -26.99
CA GLN B 241 -10.14 -5.33 -26.62
C GLN B 241 -9.56 -5.97 -27.87
N SER B 242 -8.27 -5.74 -28.09
CA SER B 242 -7.58 -6.32 -29.25
C SER B 242 -6.94 -7.67 -28.89
N LEU B 243 -7.48 -8.75 -29.46
CA LEU B 243 -6.97 -10.09 -29.24
C LEU B 243 -6.18 -10.49 -30.50
N LEU B 244 -5.25 -11.42 -30.32
CA LEU B 244 -4.46 -11.94 -31.46
C LEU B 244 -5.29 -13.02 -32.13
N GLY B 245 -6.14 -12.61 -33.09
CA GLY B 245 -6.99 -13.56 -33.79
C GLY B 245 -8.41 -13.16 -33.50
N GLY B 246 -8.56 -11.94 -32.99
CA GLY B 246 -9.88 -11.43 -32.66
C GLY B 246 -10.58 -12.27 -31.60
N GLY B 247 -11.84 -11.92 -31.35
CA GLY B 247 -12.62 -12.63 -30.36
C GLY B 247 -14.06 -12.59 -30.84
N ASP B 248 -14.96 -13.14 -30.05
CA ASP B 248 -16.36 -13.19 -30.44
C ASP B 248 -17.27 -12.17 -29.76
N ILE B 249 -16.97 -11.84 -28.50
CA ILE B 249 -17.79 -10.88 -27.75
C ILE B 249 -17.87 -9.52 -28.43
N GLN B 250 -19.08 -9.16 -28.85
CA GLN B 250 -19.34 -7.88 -29.52
C GLN B 250 -20.60 -7.23 -28.96
N ASN B 251 -20.64 -6.98 -27.66
CA ASN B 251 -21.83 -6.35 -27.10
C ASN B 251 -21.80 -4.84 -27.05
N GLU B 252 -22.55 -4.31 -26.10
CA GLU B 252 -22.68 -2.87 -25.90
C GLU B 252 -21.50 -2.34 -25.09
N SER B 253 -21.10 -3.10 -24.08
CA SER B 253 -20.01 -2.69 -23.22
C SER B 253 -18.63 -3.24 -23.61
N LEU B 254 -18.61 -4.31 -24.41
CA LEU B 254 -17.33 -4.88 -24.83
C LEU B 254 -17.29 -5.20 -26.32
N GLN B 255 -16.21 -4.79 -26.98
CA GLN B 255 -16.03 -5.03 -28.40
C GLN B 255 -14.66 -5.66 -28.68
N GLN B 256 -14.62 -6.99 -28.74
CA GLN B 256 -13.37 -7.68 -29.01
C GLN B 256 -13.02 -7.53 -30.48
N VAL B 257 -11.79 -7.16 -30.76
CA VAL B 257 -11.35 -6.96 -32.14
C VAL B 257 -10.02 -7.65 -32.38
N PRO B 258 -9.58 -7.69 -33.65
CA PRO B 258 -8.31 -8.35 -33.95
C PRO B 258 -7.07 -7.52 -33.59
N GLU B 259 -5.91 -8.15 -33.65
CA GLU B 259 -4.65 -7.50 -33.33
C GLU B 259 -4.41 -6.19 -34.07
N ILE B 260 -3.43 -5.43 -33.59
CA ILE B 260 -3.08 -4.13 -34.18
C ILE B 260 -1.97 -4.20 -35.22
N THR B 261 -2.14 -3.44 -36.31
CA THR B 261 -1.15 -3.40 -37.39
C THR B 261 -0.27 -2.17 -37.25
N LYS B 262 -0.89 -1.03 -36.96
CA LYS B 262 -0.15 0.21 -36.75
C LYS B 262 -0.98 1.38 -36.23
N PHE B 263 -0.28 2.32 -35.63
CA PHE B 263 -0.91 3.51 -35.07
C PHE B 263 -0.61 4.66 -36.02
N ASP B 264 -1.64 5.39 -36.43
CA ASP B 264 -1.43 6.52 -37.29
C ASP B 264 -1.27 7.74 -36.38
N PRO B 265 -0.03 8.22 -36.22
CA PRO B 265 0.24 9.39 -35.37
C PRO B 265 -0.53 10.65 -35.73
N THR B 266 -0.73 10.90 -37.01
CA THR B 266 -1.46 12.10 -37.45
C THR B 266 -2.94 12.11 -37.18
N THR B 267 -3.63 11.05 -37.59
CA THR B 267 -5.08 10.97 -37.37
C THR B 267 -5.34 10.32 -35.99
N ARG B 268 -4.26 9.80 -35.40
CA ARG B 268 -4.31 9.10 -34.12
C ARG B 268 -5.36 8.01 -34.21
N GLU B 269 -5.32 7.29 -35.35
CA GLU B 269 -6.22 6.17 -35.62
C GLU B 269 -5.42 4.90 -35.38
N ILE B 270 -6.14 3.82 -35.07
CA ILE B 270 -5.48 2.54 -34.80
C ILE B 270 -6.01 1.52 -35.79
N TYR B 271 -5.09 0.97 -36.58
CA TYR B 271 -5.45 -0.02 -37.61
C TYR B 271 -5.32 -1.47 -37.12
N LEU B 272 -6.43 -2.20 -37.17
CA LEU B 272 -6.45 -3.59 -36.74
C LEU B 272 -6.44 -4.54 -37.92
N LYS B 273 -5.73 -5.66 -37.78
CA LYS B 273 -5.64 -6.69 -38.83
C LYS B 273 -7.05 -6.92 -39.37
N GLY B 274 -7.20 -6.83 -40.68
CA GLY B 274 -8.51 -7.04 -41.28
C GLY B 274 -9.15 -5.73 -41.71
N GLY B 275 -8.35 -4.67 -41.82
CA GLY B 275 -8.85 -3.38 -42.24
C GLY B 275 -9.66 -2.59 -41.23
N LYS B 276 -10.01 -3.23 -40.11
CA LYS B 276 -10.80 -2.57 -39.07
C LYS B 276 -10.01 -1.38 -38.51
N VAL B 277 -10.67 -0.22 -38.37
CA VAL B 277 -10.00 0.98 -37.88
C VAL B 277 -10.63 1.66 -36.65
N LEU B 278 -9.78 2.03 -35.70
CA LEU B 278 -10.24 2.69 -34.48
C LEU B 278 -9.77 4.15 -34.37
N SER B 279 -10.64 5.00 -33.82
CA SER B 279 -10.33 6.41 -33.63
C SER B 279 -10.90 6.98 -32.34
N ASN B 280 -10.31 8.09 -31.89
CA ASN B 280 -10.73 8.78 -30.66
C ASN B 280 -10.51 7.93 -29.41
N ILE B 281 -9.49 7.07 -29.45
CA ILE B 281 -9.18 6.22 -28.31
C ILE B 281 -8.36 7.07 -27.34
N ASP B 282 -8.91 7.30 -26.16
CA ASP B 282 -8.22 8.10 -25.15
C ASP B 282 -7.09 7.34 -24.50
N ARG B 283 -7.30 6.05 -24.25
CA ARG B 283 -6.27 5.25 -23.62
C ARG B 283 -6.06 3.89 -24.27
N VAL B 284 -4.80 3.55 -24.51
CA VAL B 284 -4.47 2.25 -25.04
C VAL B 284 -3.71 1.62 -23.89
N ILE B 285 -4.26 0.53 -23.34
CA ILE B 285 -3.59 -0.15 -22.22
C ILE B 285 -3.06 -1.51 -22.64
N TYR B 286 -1.75 -1.61 -22.74
CA TYR B 286 -1.10 -2.85 -23.12
C TYR B 286 -1.05 -3.88 -21.97
N CYS B 287 -1.84 -4.94 -22.12
CA CYS B 287 -1.90 -6.02 -21.14
C CYS B 287 -1.27 -7.21 -21.85
N THR B 288 -0.10 -6.96 -22.41
CA THR B 288 0.64 -7.93 -23.18
C THR B 288 1.74 -8.67 -22.42
N GLY B 289 1.66 -8.64 -21.09
CA GLY B 289 2.63 -9.36 -20.30
C GLY B 289 3.99 -8.73 -20.07
N TYR B 290 4.96 -9.58 -19.74
CA TYR B 290 6.31 -9.14 -19.43
C TYR B 290 7.38 -10.00 -20.11
N LEU B 291 8.63 -9.64 -19.89
CA LEU B 291 9.75 -10.37 -20.45
C LEU B 291 10.58 -10.93 -19.31
N TYR B 292 11.20 -12.09 -19.50
CA TYR B 292 12.05 -12.63 -18.46
C TYR B 292 13.29 -11.74 -18.53
N SER B 293 14.00 -11.61 -17.42
CA SER B 293 15.17 -10.75 -17.40
C SER B 293 16.28 -11.23 -16.49
N VAL B 294 17.51 -11.15 -16.99
CA VAL B 294 18.69 -11.55 -16.23
C VAL B 294 19.67 -10.38 -16.44
N PRO B 295 19.39 -9.24 -15.79
CA PRO B 295 20.15 -7.99 -15.82
C PRO B 295 21.52 -8.05 -15.15
N PHE B 296 22.24 -9.14 -15.35
CA PHE B 296 23.56 -9.28 -14.76
C PHE B 296 24.56 -9.47 -15.89
N PRO B 297 25.37 -8.43 -16.16
CA PRO B 297 26.40 -8.37 -17.20
C PRO B 297 27.10 -9.69 -17.53
N SER B 298 27.73 -10.29 -16.54
CA SER B 298 28.45 -11.54 -16.76
C SER B 298 27.58 -12.71 -17.17
N LEU B 299 26.27 -12.58 -17.03
CA LEU B 299 25.36 -13.66 -17.40
C LEU B 299 24.65 -13.33 -18.69
N ALA B 300 24.40 -12.04 -18.91
CA ALA B 300 23.73 -11.57 -20.12
C ALA B 300 24.62 -11.64 -21.36
N LYS B 301 25.93 -11.54 -21.18
CA LYS B 301 26.85 -11.59 -22.33
C LYS B 301 26.90 -13.01 -22.90
N LEU B 302 26.62 -14.00 -22.07
CA LEU B 302 26.61 -15.39 -22.52
C LEU B 302 25.63 -15.59 -23.68
N LYS B 303 26.14 -15.81 -24.88
CA LYS B 303 25.29 -15.97 -26.05
C LYS B 303 25.22 -17.38 -26.67
N SER B 304 26.26 -18.18 -26.47
CA SER B 304 26.29 -19.52 -27.06
C SER B 304 25.18 -20.45 -26.60
N PRO B 305 24.58 -21.20 -27.54
CA PRO B 305 23.49 -22.14 -27.29
C PRO B 305 23.66 -23.00 -26.04
N GLU B 306 24.89 -23.42 -25.80
CA GLU B 306 25.19 -24.25 -24.64
C GLU B 306 25.30 -23.48 -23.31
N THR B 307 25.60 -22.18 -23.38
CA THR B 307 25.76 -21.40 -22.14
C THR B 307 24.78 -20.24 -21.90
N LYS B 308 24.07 -19.81 -22.93
CA LYS B 308 23.17 -18.67 -22.78
C LYS B 308 22.00 -18.85 -21.82
N LEU B 309 21.61 -17.74 -21.20
CA LEU B 309 20.51 -17.71 -20.25
C LEU B 309 19.32 -16.97 -20.84
N ILE B 310 19.58 -15.82 -21.44
CA ILE B 310 18.51 -15.02 -22.03
C ILE B 310 18.79 -14.56 -23.45
N ASP B 311 17.75 -14.52 -24.27
CA ASP B 311 17.88 -14.04 -25.64
C ASP B 311 16.80 -12.98 -25.90
N ASP B 312 15.58 -13.41 -26.21
CA ASP B 312 14.50 -12.46 -26.48
C ASP B 312 13.62 -12.19 -25.27
N GLY B 313 13.89 -12.89 -24.17
CA GLY B 313 13.12 -12.70 -22.96
C GLY B 313 11.87 -13.55 -22.89
N SER B 314 11.73 -14.47 -23.85
CA SER B 314 10.57 -15.35 -23.88
C SER B 314 10.67 -16.38 -22.75
N HIS B 315 11.89 -16.62 -22.30
CA HIS B 315 12.14 -17.59 -21.23
C HIS B 315 13.61 -17.54 -20.87
N VAL B 316 13.97 -18.34 -19.88
CA VAL B 316 15.36 -18.45 -19.44
C VAL B 316 15.84 -19.79 -19.98
N HIS B 317 16.95 -19.77 -20.72
CA HIS B 317 17.46 -20.99 -21.32
C HIS B 317 18.46 -21.79 -20.49
N ASN B 318 18.62 -23.04 -20.87
CA ASN B 318 19.55 -23.96 -20.22
C ASN B 318 19.34 -24.21 -18.74
N VAL B 319 18.09 -24.32 -18.32
CA VAL B 319 17.80 -24.59 -16.92
C VAL B 319 17.07 -25.92 -16.74
N TYR B 320 17.80 -26.94 -16.30
CA TYR B 320 17.23 -28.27 -16.09
C TYR B 320 16.08 -28.20 -15.09
N GLN B 321 14.92 -28.67 -15.51
CA GLN B 321 13.71 -28.65 -14.68
C GLN B 321 13.31 -27.22 -14.33
N HIS B 322 13.77 -26.28 -15.16
CA HIS B 322 13.49 -24.86 -14.98
C HIS B 322 14.23 -24.31 -13.76
N ILE B 323 15.17 -25.11 -13.25
CA ILE B 323 15.93 -24.74 -12.06
C ILE B 323 17.43 -24.61 -12.23
N PHE B 324 18.11 -25.74 -12.41
CA PHE B 324 19.57 -25.77 -12.50
C PHE B 324 20.21 -25.43 -13.84
N TYR B 325 21.08 -24.42 -13.80
CA TYR B 325 21.83 -23.99 -14.97
C TYR B 325 22.64 -25.23 -15.37
N ILE B 326 22.31 -25.81 -16.51
CA ILE B 326 23.00 -27.02 -16.96
C ILE B 326 24.52 -26.97 -16.94
N PRO B 327 25.13 -25.91 -17.51
CA PRO B 327 26.60 -25.81 -17.52
C PRO B 327 27.23 -25.81 -16.13
N ASP B 328 26.54 -25.18 -15.17
CA ASP B 328 27.03 -25.07 -13.79
C ASP B 328 25.85 -25.10 -12.84
N PRO B 329 25.52 -26.28 -12.29
CA PRO B 329 24.38 -26.35 -11.37
C PRO B 329 24.48 -25.53 -10.07
N THR B 330 25.58 -24.80 -9.86
CA THR B 330 25.70 -24.00 -8.64
C THR B 330 24.95 -22.67 -8.85
N LEU B 331 24.35 -22.54 -10.04
CA LEU B 331 23.54 -21.38 -10.37
C LEU B 331 22.17 -21.98 -10.64
N ALA B 332 21.14 -21.48 -9.94
CA ALA B 332 19.80 -22.00 -10.13
C ALA B 332 18.78 -20.87 -10.12
N PHE B 333 17.55 -21.19 -10.51
CA PHE B 333 16.46 -20.23 -10.57
C PHE B 333 15.22 -20.83 -9.95
N VAL B 334 14.48 -20.02 -9.21
CA VAL B 334 13.23 -20.46 -8.59
C VAL B 334 12.18 -19.43 -8.94
N GLY B 335 11.03 -19.89 -9.43
CA GLY B 335 9.95 -18.97 -9.78
C GLY B 335 9.76 -18.68 -11.25
N LEU B 336 10.43 -19.40 -12.13
CA LEU B 336 10.31 -19.18 -13.58
C LEU B 336 9.01 -19.72 -14.16
N ALA B 337 8.41 -20.70 -13.49
CA ALA B 337 7.17 -21.30 -13.99
C ALA B 337 6.08 -20.31 -14.37
N LEU B 338 5.38 -20.64 -15.45
CA LEU B 338 4.31 -19.82 -15.99
C LEU B 338 2.99 -20.59 -15.87
N HIS B 339 1.88 -19.89 -15.68
CA HIS B 339 0.56 -20.52 -15.58
C HIS B 339 0.45 -21.51 -14.43
N VAL B 340 1.02 -21.14 -13.29
CA VAL B 340 1.00 -21.99 -12.10
C VAL B 340 0.49 -21.20 -10.89
N VAL B 341 0.44 -21.88 -9.76
CA VAL B 341 0.05 -21.28 -8.50
C VAL B 341 1.44 -21.07 -7.90
N PRO B 342 1.97 -19.84 -8.00
CA PRO B 342 3.28 -19.37 -7.54
C PRO B 342 3.91 -19.89 -6.25
N PHE B 343 3.28 -19.61 -5.11
CA PHE B 343 3.85 -20.03 -3.82
C PHE B 343 4.15 -21.54 -3.71
N PRO B 344 3.17 -22.40 -3.99
CA PRO B 344 3.38 -23.85 -3.89
C PRO B 344 4.43 -24.33 -4.89
N THR B 345 4.36 -23.81 -6.11
CA THR B 345 5.30 -24.20 -7.15
C THR B 345 6.75 -23.80 -6.81
N SER B 346 6.93 -22.61 -6.27
CA SER B 346 8.30 -22.20 -5.91
C SER B 346 8.78 -23.01 -4.72
N GLN B 347 7.88 -23.35 -3.83
CA GLN B 347 8.26 -24.13 -2.67
C GLN B 347 8.69 -25.53 -3.12
N ALA B 348 7.97 -26.08 -4.09
CA ALA B 348 8.28 -27.41 -4.62
C ALA B 348 9.71 -27.40 -5.17
N GLN B 349 10.04 -26.34 -5.91
CA GLN B 349 11.37 -26.21 -6.48
C GLN B 349 12.40 -26.01 -5.36
N ALA B 350 12.08 -25.15 -4.40
CA ALA B 350 12.98 -24.87 -3.28
C ALA B 350 13.36 -26.11 -2.50
N ALA B 351 12.37 -26.96 -2.19
CA ALA B 351 12.65 -28.17 -1.44
C ALA B 351 13.66 -29.02 -2.21
N PHE B 352 13.39 -29.21 -3.50
CA PHE B 352 14.27 -30.01 -4.36
C PHE B 352 15.65 -29.36 -4.44
N LEU B 353 15.66 -28.06 -4.70
CA LEU B 353 16.92 -27.32 -4.81
C LEU B 353 17.78 -27.49 -3.57
N ALA B 354 17.18 -27.36 -2.40
CA ALA B 354 17.91 -27.49 -1.14
C ALA B 354 18.58 -28.87 -0.97
N ARG B 355 17.83 -29.93 -1.23
CA ARG B 355 18.35 -31.29 -1.08
C ARG B 355 19.44 -31.64 -2.09
N VAL B 356 19.47 -30.93 -3.21
CA VAL B 356 20.49 -31.16 -4.22
C VAL B 356 21.77 -30.41 -3.85
N TRP B 357 21.63 -29.18 -3.35
CA TRP B 357 22.80 -28.40 -2.99
C TRP B 357 23.45 -28.85 -1.69
N SER B 358 22.73 -29.65 -0.90
CA SER B 358 23.27 -30.16 0.36
C SER B 358 23.81 -31.57 0.14
N GLY B 359 23.77 -32.02 -1.11
CA GLY B 359 24.27 -33.34 -1.46
C GLY B 359 23.38 -34.51 -1.11
N ARG B 360 22.24 -34.24 -0.47
CA ARG B 360 21.33 -35.32 -0.10
C ARG B 360 20.54 -35.86 -1.30
N LEU B 361 20.80 -35.30 -2.47
CA LEU B 361 20.17 -35.73 -3.70
C LEU B 361 21.14 -35.47 -4.83
N LYS B 362 21.08 -36.30 -5.86
CA LYS B 362 21.97 -36.14 -7.00
C LYS B 362 21.20 -35.88 -8.28
N LEU B 363 21.69 -34.95 -9.08
CA LEU B 363 21.06 -34.64 -10.35
C LEU B 363 21.48 -35.68 -11.37
N PRO B 364 20.63 -35.94 -12.39
CA PRO B 364 21.03 -36.93 -13.38
C PRO B 364 22.25 -36.36 -14.12
N SER B 365 22.84 -37.15 -15.00
CA SER B 365 24.02 -36.72 -15.75
C SER B 365 23.74 -35.48 -16.58
N LYS B 366 24.80 -34.82 -17.04
CA LYS B 366 24.67 -33.63 -17.84
C LYS B 366 23.99 -33.90 -19.18
N GLU B 367 24.33 -35.01 -19.82
CA GLU B 367 23.72 -35.30 -21.12
C GLU B 367 22.24 -35.59 -20.96
N GLU B 368 21.87 -36.28 -19.89
CA GLU B 368 20.47 -36.60 -19.65
C GLU B 368 19.68 -35.33 -19.35
N GLN B 369 20.34 -34.34 -18.74
CA GLN B 369 19.70 -33.07 -18.44
C GLN B 369 19.47 -32.35 -19.75
N LEU B 370 20.48 -32.37 -20.61
CA LEU B 370 20.37 -31.73 -21.91
C LEU B 370 19.27 -32.40 -22.72
N LYS B 371 19.13 -33.72 -22.54
CA LYS B 371 18.07 -34.43 -23.24
C LYS B 371 16.71 -33.90 -22.83
N TRP B 372 16.55 -33.77 -21.50
CA TRP B 372 15.32 -33.24 -20.94
C TRP B 372 14.97 -31.92 -21.64
N GLN B 373 15.97 -31.07 -21.84
CA GLN B 373 15.75 -29.79 -22.51
C GLN B 373 15.43 -29.97 -23.99
N ASP B 374 16.17 -30.83 -24.68
CA ASP B 374 15.91 -31.08 -26.10
C ASP B 374 14.50 -31.54 -26.32
N GLU B 375 14.02 -32.43 -25.45
CA GLU B 375 12.66 -32.93 -25.56
C GLU B 375 11.64 -31.82 -25.32
N LEU B 376 11.99 -30.88 -24.45
CA LEU B 376 11.11 -29.75 -24.13
C LEU B 376 11.00 -28.82 -25.35
N PHE B 378 11.49 -29.41 -28.41
CA PHE B 378 10.78 -30.09 -29.47
C PHE B 378 9.27 -29.94 -29.30
N SER B 379 8.77 -30.20 -28.09
CA SER B 379 7.34 -30.11 -27.82
C SER B 379 6.80 -28.68 -27.96
N LEU B 380 7.68 -27.71 -27.78
CA LEU B 380 7.27 -26.30 -27.87
C LEU B 380 6.93 -25.87 -29.28
N SER B 381 7.42 -26.61 -30.28
CA SER B 381 7.16 -26.29 -31.68
C SER B 381 7.44 -24.82 -31.98
N GLY B 382 8.62 -24.35 -31.57
CA GLY B 382 8.98 -22.96 -31.83
C GLY B 382 8.30 -21.91 -30.95
N ALA B 383 7.41 -22.36 -30.06
CA ALA B 383 6.71 -21.42 -29.17
C ALA B 383 7.51 -21.30 -27.87
N ASN B 384 8.66 -20.65 -27.97
CA ASN B 384 9.56 -20.48 -26.83
C ASN B 384 9.00 -19.80 -25.59
N ASN B 385 7.98 -18.96 -25.75
CA ASN B 385 7.41 -18.30 -24.59
C ASN B 385 6.53 -19.25 -23.78
N TYR B 387 7.93 -22.18 -22.92
CA TYR B 387 9.00 -22.98 -22.32
C TYR B 387 8.78 -23.30 -20.84
N HIS B 388 8.50 -22.28 -20.02
CA HIS B 388 8.28 -22.48 -18.59
C HIS B 388 6.80 -22.66 -18.23
N SER B 389 5.94 -22.84 -19.22
CA SER B 389 4.52 -23.01 -18.91
C SER B 389 4.22 -24.40 -18.40
N LEU B 390 3.51 -24.47 -17.28
CA LEU B 390 3.14 -25.73 -16.67
C LEU B 390 1.64 -25.73 -16.37
N ASP B 391 0.85 -25.29 -17.35
CA ASP B 391 -0.59 -25.24 -17.18
C ASP B 391 -1.06 -26.64 -16.77
N TYR B 392 -2.05 -26.71 -15.89
CA TYR B 392 -2.55 -28.01 -15.46
C TYR B 392 -2.82 -28.87 -16.70
N PRO B 393 -2.53 -30.18 -16.62
CA PRO B 393 -2.01 -30.93 -15.48
C PRO B 393 -0.50 -30.95 -15.33
N LYS B 394 0.22 -30.19 -16.14
CA LYS B 394 1.67 -30.16 -16.04
C LYS B 394 2.17 -29.75 -14.66
N ASP B 395 1.60 -28.69 -14.09
CA ASP B 395 2.02 -28.21 -12.79
C ASP B 395 1.80 -29.25 -11.67
N ALA B 396 0.64 -29.90 -11.68
CA ALA B 396 0.36 -30.91 -10.67
C ALA B 396 1.36 -32.04 -10.77
N THR B 397 1.61 -32.48 -12.00
CA THR B 397 2.55 -33.57 -12.26
C THR B 397 3.94 -33.17 -11.81
N TYR B 398 4.34 -31.95 -12.17
CA TYR B 398 5.65 -31.40 -11.83
C TYR B 398 5.91 -31.33 -10.34
N ILE B 399 4.98 -30.74 -9.58
CA ILE B 399 5.16 -30.62 -8.15
C ILE B 399 5.16 -31.98 -7.44
N ASN B 400 4.31 -32.88 -7.91
CA ASN B 400 4.25 -34.21 -7.31
C ASN B 400 5.51 -34.99 -7.66
N LYS B 401 6.12 -34.67 -8.79
CA LYS B 401 7.35 -35.34 -9.19
C LYS B 401 8.44 -34.87 -8.22
N LEU B 402 8.56 -33.56 -8.04
CA LEU B 402 9.55 -33.01 -7.12
C LEU B 402 9.30 -33.48 -5.70
N HIS B 403 8.03 -33.59 -5.33
CA HIS B 403 7.70 -34.07 -4.01
C HIS B 403 8.24 -35.47 -3.79
N ASP B 404 8.01 -36.35 -4.76
CA ASP B 404 8.47 -37.71 -4.66
C ASP B 404 10.00 -37.84 -4.74
N TRP B 405 10.65 -36.96 -5.51
CA TRP B 405 12.10 -37.01 -5.59
C TRP B 405 12.71 -36.60 -4.27
N CYS B 406 12.11 -35.58 -3.64
CA CYS B 406 12.60 -35.09 -2.36
C CYS B 406 12.54 -36.14 -1.27
N LYS B 407 11.54 -37.01 -1.32
CA LYS B 407 11.40 -38.05 -0.30
C LYS B 407 12.60 -38.99 -0.31
N GLN B 408 13.27 -39.09 -1.45
CA GLN B 408 14.42 -39.98 -1.59
C GLN B 408 15.65 -39.44 -0.89
N ALA B 409 15.64 -38.16 -0.56
CA ALA B 409 16.80 -37.55 0.09
C ALA B 409 17.23 -38.40 1.29
N THR B 410 18.53 -38.43 1.53
CA THR B 410 19.11 -39.17 2.65
C THR B 410 20.35 -38.41 3.10
N PRO B 411 20.63 -38.41 4.41
CA PRO B 411 19.82 -39.09 5.43
C PRO B 411 18.57 -38.30 5.81
N VAL B 412 17.64 -38.96 6.50
CA VAL B 412 16.43 -38.31 6.94
C VAL B 412 16.78 -37.40 8.10
N LEU B 413 16.25 -36.18 8.09
CA LEU B 413 16.53 -35.22 9.15
C LEU B 413 15.38 -35.26 10.13
N GLU B 414 15.64 -34.77 11.34
CA GLU B 414 14.62 -34.75 12.38
C GLU B 414 13.44 -33.91 11.89
N GLU B 415 13.76 -32.81 11.22
CA GLU B 415 12.75 -31.90 10.67
C GLU B 415 12.96 -31.73 9.16
N GLU B 416 12.07 -32.33 8.37
CA GLU B 416 12.16 -32.24 6.92
C GLU B 416 11.30 -31.10 6.36
N PHE B 417 11.94 -30.13 5.72
CA PHE B 417 11.21 -29.01 5.09
C PHE B 417 10.22 -29.71 4.14
N PRO B 418 8.92 -29.43 4.29
CA PRO B 418 7.89 -30.04 3.44
C PRO B 418 7.84 -29.70 1.97
N SER B 419 7.45 -30.70 1.17
CA SER B 419 7.28 -30.55 -0.27
C SER B 419 5.77 -30.63 -0.45
N PRO B 420 5.16 -29.65 -1.13
CA PRO B 420 3.71 -29.74 -1.30
C PRO B 420 3.37 -30.92 -2.22
N TYR B 421 2.15 -31.40 -2.10
CA TYR B 421 1.67 -32.50 -2.91
C TYR B 421 0.21 -32.23 -3.21
N TRP B 422 -0.19 -32.40 -4.46
CA TRP B 422 -1.58 -32.17 -4.83
C TRP B 422 -2.28 -33.50 -5.08
N GLY B 423 -3.17 -33.85 -4.16
CA GLY B 423 -3.93 -35.08 -4.29
C GLY B 423 -5.09 -34.87 -5.24
N GLU B 424 -5.99 -35.84 -5.28
CA GLU B 424 -7.17 -35.78 -6.15
C GLU B 424 -7.96 -34.51 -5.90
N LYS B 425 -8.15 -34.20 -4.62
CA LYS B 425 -8.90 -33.02 -4.21
C LYS B 425 -8.25 -31.72 -4.74
N GLU B 426 -6.95 -31.57 -4.52
CA GLU B 426 -6.25 -30.37 -4.99
C GLU B 426 -6.28 -30.24 -6.50
N ARG B 427 -5.91 -31.32 -7.20
CA ARG B 427 -5.90 -31.31 -8.66
C ARG B 427 -7.22 -30.85 -9.23
N SER B 428 -8.31 -31.33 -8.66
CA SER B 428 -9.65 -30.98 -9.12
C SER B 428 -9.86 -29.46 -9.08
N ILE B 429 -9.46 -28.85 -7.97
CA ILE B 429 -9.61 -27.41 -7.80
C ILE B 429 -8.74 -26.69 -8.83
N ARG B 430 -7.53 -27.19 -9.03
CA ARG B 430 -6.63 -26.58 -10.00
C ARG B 430 -7.16 -26.69 -11.43
N GLU B 431 -7.83 -27.81 -11.74
CA GLU B 431 -8.37 -28.00 -13.09
C GLU B 431 -9.53 -27.07 -13.38
N ASN B 432 -10.38 -26.86 -12.39
CA ASN B 432 -11.54 -25.98 -12.55
C ASN B 432 -11.31 -24.63 -11.90
N TRP B 434 -10.31 -21.60 -12.86
CA TRP B 434 -10.93 -20.41 -13.42
C TRP B 434 -12.45 -20.39 -13.34
N SER B 435 -13.06 -21.57 -13.25
CA SER B 435 -14.52 -21.69 -13.15
C SER B 435 -14.90 -21.38 -11.71
N ILE B 436 -14.12 -21.93 -10.78
CA ILE B 436 -14.35 -21.69 -9.36
C ILE B 436 -14.21 -20.20 -9.09
N ARG B 437 -13.28 -19.58 -9.81
CA ARG B 437 -13.01 -18.15 -9.68
C ARG B 437 -14.19 -17.34 -10.27
N ALA B 438 -14.62 -17.74 -11.46
CA ALA B 438 -15.72 -17.07 -12.14
C ALA B 438 -16.96 -17.07 -11.28
N LYS B 439 -17.22 -18.19 -10.61
CA LYS B 439 -18.39 -18.30 -9.76
C LYS B 439 -18.24 -17.40 -8.54
N PHE B 440 -17.01 -17.30 -8.04
CA PHE B 440 -16.72 -16.47 -6.86
C PHE B 440 -17.02 -15.00 -7.14
N PHE B 441 -16.53 -14.49 -8.27
CA PHE B 441 -16.76 -13.10 -8.65
C PHE B 441 -18.03 -12.95 -9.49
N GLY B 442 -18.88 -13.97 -9.44
CA GLY B 442 -20.12 -13.94 -10.20
C GLY B 442 -19.98 -13.47 -11.65
N ILE B 443 -19.07 -14.09 -12.40
CA ILE B 443 -18.86 -13.68 -13.79
C ILE B 443 -18.92 -14.83 -14.82
N GLU B 444 -18.63 -14.47 -16.08
CA GLU B 444 -18.64 -15.38 -17.23
C GLU B 444 -19.89 -16.24 -17.35
#